data_5UP1
#
_entry.id   5UP1
#
_entity_poly.entity_id   1
_entity_poly.type   'polypeptide(L)'
_entity_poly.pdbx_seq_one_letter_code
;MGSSHHHHHHSSGLVPRGSHMTTVKLGDIKVTFDNPEKAKKYAQKLAKIYQLTVHVHGDTIHVK
;
_entity_poly.pdbx_strand_id   A
#
# COMPACT_ATOMS: atom_id res chain seq x y z
N MET A 1 23.25 17.90 -27.29
CA MET A 1 22.17 16.89 -27.09
C MET A 1 21.94 16.61 -25.59
N GLY A 2 20.74 16.06 -25.29
CA GLY A 2 20.34 15.77 -23.92
C GLY A 2 18.95 15.16 -23.88
N SER A 3 18.80 13.98 -24.50
CA SER A 3 17.51 13.25 -24.58
C SER A 3 17.65 11.81 -24.05
N SER A 4 17.10 11.56 -22.85
CA SER A 4 17.03 10.21 -22.27
C SER A 4 15.83 9.45 -22.89
N HIS A 5 16.14 8.46 -23.76
CA HIS A 5 15.11 7.70 -24.51
C HIS A 5 14.54 6.58 -23.63
N HIS A 6 13.52 6.93 -22.83
CA HIS A 6 12.82 6.02 -21.91
C HIS A 6 11.85 5.14 -22.72
N HIS A 7 12.02 3.81 -22.65
CA HIS A 7 11.08 2.83 -23.26
C HIS A 7 10.83 1.68 -22.26
N HIS A 8 9.60 1.15 -22.24
CA HIS A 8 9.23 0.06 -21.32
C HIS A 8 9.92 -1.25 -21.73
N HIS A 9 10.48 -1.98 -20.75
CA HIS A 9 11.09 -3.30 -20.98
C HIS A 9 10.07 -4.41 -20.64
N HIS A 10 10.40 -5.66 -21.01
CA HIS A 10 9.55 -6.84 -20.74
C HIS A 10 9.47 -7.10 -19.21
N SER A 11 8.22 -7.29 -18.71
CA SER A 11 7.92 -7.62 -17.30
C SER A 11 8.31 -6.47 -16.34
N SER A 12 7.31 -5.87 -15.68
CA SER A 12 7.51 -4.76 -14.72
C SER A 12 6.58 -4.99 -13.51
N GLY A 13 6.56 -4.02 -12.57
CA GLY A 13 5.61 -4.05 -11.44
C GLY A 13 4.20 -3.77 -11.91
N LEU A 14 3.56 -4.82 -12.49
CA LEU A 14 2.26 -4.71 -13.16
C LEU A 14 1.13 -4.59 -12.12
N VAL A 15 0.83 -3.35 -11.74
CA VAL A 15 -0.26 -3.01 -10.82
C VAL A 15 -1.62 -3.01 -11.57
N PRO A 16 -2.70 -3.62 -11.00
CA PRO A 16 -4.07 -3.58 -11.58
C PRO A 16 -4.62 -2.14 -11.70
N ARG A 17 -5.35 -1.89 -12.79
CA ARG A 17 -6.00 -0.58 -13.06
C ARG A 17 -7.25 -0.42 -12.19
N GLY A 18 -7.41 0.78 -11.61
CA GLY A 18 -8.55 1.11 -10.74
C GLY A 18 -8.09 1.87 -9.51
N SER A 19 -8.99 2.70 -8.93
CA SER A 19 -8.71 3.46 -7.72
C SER A 19 -8.69 2.51 -6.49
N HIS A 20 -7.48 2.13 -6.07
CA HIS A 20 -7.27 1.15 -4.97
C HIS A 20 -5.99 1.48 -4.19
N MET A 21 -6.08 1.39 -2.85
CA MET A 21 -4.95 1.62 -1.94
C MET A 21 -4.00 0.41 -1.96
N THR A 22 -2.69 0.68 -2.08
CA THR A 22 -1.65 -0.34 -2.12
C THR A 22 -1.14 -0.64 -0.71
N THR A 23 -1.08 -1.94 -0.37
CA THR A 23 -0.56 -2.42 0.91
C THR A 23 0.98 -2.53 0.81
N VAL A 24 1.69 -1.53 1.38
CA VAL A 24 3.15 -1.53 1.42
C VAL A 24 3.62 -2.16 2.75
N LYS A 25 4.07 -3.42 2.66
CA LYS A 25 4.51 -4.18 3.83
C LYS A 25 6.01 -3.97 4.08
N LEU A 26 6.31 -3.12 5.07
CA LEU A 26 7.67 -2.90 5.58
C LEU A 26 8.01 -4.03 6.60
N GLY A 27 9.27 -4.07 7.07
CA GLY A 27 9.70 -5.07 8.06
C GLY A 27 8.84 -5.06 9.34
N ASP A 28 7.83 -5.97 9.38
CA ASP A 28 6.76 -6.08 10.41
C ASP A 28 5.70 -4.96 10.24
N ILE A 29 6.17 -3.71 10.07
CA ILE A 29 5.33 -2.51 9.96
C ILE A 29 4.41 -2.56 8.71
N LYS A 30 3.10 -2.38 8.94
CA LYS A 30 2.08 -2.35 7.87
C LYS A 30 1.82 -0.91 7.48
N VAL A 31 2.35 -0.50 6.32
CA VAL A 31 2.10 0.81 5.72
C VAL A 31 1.08 0.65 4.59
N THR A 32 0.29 1.70 4.32
CA THR A 32 -0.59 1.74 3.16
C THR A 32 -0.56 3.15 2.56
N PHE A 33 -0.66 3.23 1.23
CA PHE A 33 -0.75 4.49 0.50
C PHE A 33 -1.97 4.45 -0.43
N ASP A 34 -2.53 5.64 -0.70
CA ASP A 34 -3.79 5.81 -1.48
C ASP A 34 -3.65 5.24 -2.91
N ASN A 35 -2.44 5.41 -3.47
CA ASN A 35 -2.15 5.09 -4.88
C ASN A 35 -0.85 4.27 -4.96
N PRO A 36 -0.77 3.26 -5.89
CA PRO A 36 0.51 2.58 -6.21
C PRO A 36 1.61 3.54 -6.73
N GLU A 37 1.20 4.71 -7.29
CA GLU A 37 2.13 5.76 -7.77
C GLU A 37 3.01 6.28 -6.61
N LYS A 38 2.34 6.80 -5.57
CA LYS A 38 3.00 7.36 -4.37
C LYS A 38 3.63 6.24 -3.53
N ALA A 39 3.03 5.04 -3.58
CA ALA A 39 3.46 3.87 -2.80
C ALA A 39 4.91 3.48 -3.11
N LYS A 40 5.21 3.31 -4.41
CA LYS A 40 6.56 2.93 -4.88
C LYS A 40 7.59 4.08 -4.68
N LYS A 41 7.10 5.33 -4.75
CA LYS A 41 7.96 6.54 -4.65
C LYS A 41 8.46 6.77 -3.21
N TYR A 42 7.62 6.40 -2.23
CA TYR A 42 7.98 6.46 -0.81
C TYR A 42 8.67 5.15 -0.35
N ALA A 43 8.31 4.01 -0.98
CA ALA A 43 8.86 2.68 -0.62
C ALA A 43 10.35 2.56 -0.99
N GLN A 44 10.77 3.25 -2.06
CA GLN A 44 12.19 3.27 -2.50
C GLN A 44 13.05 4.08 -1.52
N LYS A 45 12.42 5.06 -0.85
CA LYS A 45 13.05 5.83 0.22
C LYS A 45 13.14 4.96 1.49
N LEU A 46 12.04 4.25 1.82
CA LEU A 46 11.98 3.33 2.99
C LEU A 46 12.99 2.18 2.85
N ALA A 47 13.24 1.77 1.60
CA ALA A 47 14.25 0.76 1.26
C ALA A 47 15.66 1.29 1.56
N LYS A 48 15.90 2.56 1.24
CA LYS A 48 17.20 3.22 1.45
C LYS A 48 17.45 3.52 2.96
N ILE A 49 16.36 3.83 3.68
CA ILE A 49 16.41 4.16 5.12
C ILE A 49 16.74 2.89 5.94
N TYR A 50 15.87 1.87 5.81
CA TYR A 50 15.97 0.63 6.60
C TYR A 50 16.99 -0.36 5.96
N GLN A 51 17.66 0.07 4.88
CA GLN A 51 18.74 -0.69 4.18
C GLN A 51 18.20 -2.01 3.59
N LEU A 52 16.91 -1.96 3.21
CA LEU A 52 16.19 -3.07 2.55
C LEU A 52 16.05 -2.80 1.03
N THR A 53 15.13 -3.48 0.33
CA THR A 53 14.88 -3.25 -1.12
C THR A 53 13.36 -3.31 -1.42
N VAL A 54 12.95 -2.76 -2.58
CA VAL A 54 11.53 -2.71 -3.01
C VAL A 54 11.17 -3.99 -3.80
N HIS A 55 10.15 -4.70 -3.35
CA HIS A 55 9.55 -5.82 -4.08
C HIS A 55 8.08 -5.48 -4.37
N VAL A 56 7.84 -4.89 -5.56
CA VAL A 56 6.49 -4.49 -6.01
C VAL A 56 5.85 -5.63 -6.83
N HIS A 57 4.86 -6.30 -6.23
CA HIS A 57 4.13 -7.42 -6.86
C HIS A 57 2.62 -7.19 -6.71
N GLY A 58 2.01 -6.61 -7.78
CA GLY A 58 0.58 -6.28 -7.77
C GLY A 58 0.25 -5.15 -6.81
N ASP A 59 -0.83 -5.32 -6.04
CA ASP A 59 -1.28 -4.31 -5.03
C ASP A 59 -0.52 -4.45 -3.69
N THR A 60 0.57 -5.25 -3.66
CA THR A 60 1.39 -5.44 -2.47
C THR A 60 2.86 -5.10 -2.78
N ILE A 61 3.40 -4.07 -2.12
CA ILE A 61 4.83 -3.72 -2.19
C ILE A 61 5.49 -4.09 -0.86
N HIS A 62 6.17 -5.25 -0.81
CA HIS A 62 6.93 -5.64 0.39
C HIS A 62 8.36 -5.09 0.28
N VAL A 63 8.75 -4.25 1.25
CA VAL A 63 10.13 -3.78 1.38
C VAL A 63 10.97 -4.92 2.02
N LYS A 64 11.61 -5.74 1.14
CA LYS A 64 12.34 -6.97 1.52
C LYS A 64 13.64 -6.60 2.30
N MET A 1 -20.10 1.70 -29.62
CA MET A 1 -20.64 2.03 -28.27
C MET A 1 -19.75 1.41 -27.18
N GLY A 2 -19.47 2.18 -26.13
CA GLY A 2 -18.60 1.75 -25.05
C GLY A 2 -18.60 2.74 -23.89
N SER A 3 -19.38 2.43 -22.83
CA SER A 3 -19.53 3.31 -21.65
C SER A 3 -19.01 2.59 -20.39
N SER A 4 -17.87 3.06 -19.87
CA SER A 4 -17.29 2.59 -18.60
C SER A 4 -16.66 3.79 -17.86
N HIS A 5 -17.01 3.98 -16.57
CA HIS A 5 -16.48 5.07 -15.72
C HIS A 5 -15.89 4.44 -14.45
N HIS A 6 -14.61 4.73 -14.15
CA HIS A 6 -13.90 4.17 -12.99
C HIS A 6 -14.38 4.81 -11.68
N HIS A 7 -15.18 4.05 -10.92
CA HIS A 7 -15.67 4.41 -9.59
C HIS A 7 -14.86 3.67 -8.52
N HIS A 8 -14.48 4.37 -7.44
CA HIS A 8 -13.63 3.81 -6.37
C HIS A 8 -14.14 4.27 -4.99
N HIS A 9 -14.55 3.30 -4.15
CA HIS A 9 -14.91 3.56 -2.74
C HIS A 9 -13.65 3.65 -1.86
N HIS A 10 -13.86 4.05 -0.59
CA HIS A 10 -12.79 4.14 0.43
C HIS A 10 -13.28 3.51 1.75
N SER A 11 -12.34 2.84 2.43
CA SER A 11 -12.59 2.10 3.67
C SER A 11 -12.79 3.06 4.86
N SER A 12 -14.04 3.17 5.33
CA SER A 12 -14.42 4.02 6.46
C SER A 12 -15.09 3.16 7.54
N GLY A 13 -14.85 3.51 8.82
CA GLY A 13 -15.35 2.72 9.96
C GLY A 13 -14.48 1.49 10.19
N LEU A 14 -14.57 0.54 9.26
CA LEU A 14 -13.70 -0.65 9.18
C LEU A 14 -12.90 -0.60 7.86
N VAL A 15 -11.76 -1.33 7.81
CA VAL A 15 -10.95 -1.46 6.59
C VAL A 15 -10.98 -2.93 6.08
N PRO A 16 -11.84 -3.24 5.06
CA PRO A 16 -11.83 -4.53 4.35
C PRO A 16 -10.96 -4.49 3.06
N ARG A 17 -11.14 -5.51 2.20
CA ARG A 17 -10.55 -5.54 0.84
C ARG A 17 -11.62 -5.11 -0.21
N GLY A 18 -11.30 -5.31 -1.50
CA GLY A 18 -12.18 -4.90 -2.60
C GLY A 18 -11.64 -3.64 -3.26
N SER A 19 -11.38 -2.61 -2.43
CA SER A 19 -10.68 -1.39 -2.86
C SER A 19 -9.21 -1.72 -3.11
N HIS A 20 -8.79 -1.68 -4.40
CA HIS A 20 -7.41 -1.97 -4.81
C HIS A 20 -6.47 -0.83 -4.33
N MET A 21 -5.95 -1.02 -3.11
CA MET A 21 -5.05 -0.09 -2.44
C MET A 21 -3.69 -0.75 -2.23
N THR A 22 -2.65 0.07 -2.07
CA THR A 22 -1.29 -0.39 -1.83
C THR A 22 -0.94 -0.38 -0.34
N THR A 23 -0.94 -1.57 0.25
CA THR A 23 -0.40 -1.79 1.59
C THR A 23 1.08 -2.18 1.44
N VAL A 24 1.97 -1.22 1.73
CA VAL A 24 3.42 -1.46 1.79
C VAL A 24 3.71 -2.38 3.00
N LYS A 25 3.94 -3.66 2.69
CA LYS A 25 4.22 -4.69 3.68
C LYS A 25 5.74 -4.79 3.91
N LEU A 26 6.17 -4.19 5.00
CA LEU A 26 7.54 -4.30 5.52
C LEU A 26 7.45 -5.19 6.77
N GLY A 27 8.58 -5.83 7.16
CA GLY A 27 8.64 -6.66 8.36
C GLY A 27 8.13 -5.92 9.59
N ASP A 28 6.88 -6.28 10.02
CA ASP A 28 6.11 -5.65 11.13
C ASP A 28 5.41 -4.33 10.68
N ILE A 29 6.17 -3.44 10.01
CA ILE A 29 5.68 -2.11 9.60
C ILE A 29 4.76 -2.20 8.37
N LYS A 30 3.58 -1.58 8.45
CA LYS A 30 2.55 -1.60 7.40
C LYS A 30 2.11 -0.16 7.10
N VAL A 31 2.33 0.30 5.84
CA VAL A 31 1.95 1.67 5.42
C VAL A 31 0.86 1.59 4.33
N THR A 32 -0.29 2.29 4.54
CA THR A 32 -1.43 2.23 3.62
C THR A 32 -1.40 3.40 2.62
N PHE A 33 -1.74 3.09 1.34
CA PHE A 33 -1.82 4.07 0.23
C PHE A 33 -3.05 3.78 -0.64
N ASP A 34 -3.66 4.83 -1.20
CA ASP A 34 -4.82 4.72 -2.11
C ASP A 34 -4.49 3.89 -3.37
N ASN A 35 -3.38 4.27 -4.02
CA ASN A 35 -2.93 3.67 -5.29
C ASN A 35 -1.38 3.52 -5.26
N PRO A 36 -0.80 2.57 -6.07
CA PRO A 36 0.67 2.29 -6.10
C PRO A 36 1.55 3.53 -6.38
N GLU A 37 0.98 4.52 -7.08
CA GLU A 37 1.67 5.78 -7.47
C GLU A 37 2.41 6.45 -6.28
N LYS A 38 1.70 6.56 -5.15
CA LYS A 38 2.17 7.27 -3.96
C LYS A 38 3.21 6.42 -3.18
N ALA A 39 3.19 5.10 -3.43
CA ALA A 39 4.03 4.13 -2.69
C ALA A 39 5.32 3.79 -3.44
N LYS A 40 5.30 3.92 -4.78
CA LYS A 40 6.44 3.58 -5.67
C LYS A 40 7.56 4.63 -5.65
N LYS A 41 7.50 5.55 -4.66
CA LYS A 41 8.53 6.56 -4.40
C LYS A 41 8.93 6.52 -2.91
N TYR A 42 7.90 6.34 -2.06
CA TYR A 42 8.03 6.41 -0.59
C TYR A 42 8.79 5.20 -0.06
N ALA A 43 8.38 4.01 -0.53
CA ALA A 43 8.97 2.73 -0.11
C ALA A 43 10.42 2.63 -0.56
N GLN A 44 10.70 3.17 -1.78
CA GLN A 44 12.04 3.17 -2.42
C GLN A 44 13.05 3.94 -1.55
N LYS A 45 12.60 5.13 -1.09
CA LYS A 45 13.39 6.04 -0.25
C LYS A 45 13.66 5.39 1.12
N LEU A 46 12.58 4.86 1.73
CA LEU A 46 12.58 4.22 3.06
C LEU A 46 13.55 3.01 3.08
N ALA A 47 13.55 2.25 1.97
CA ALA A 47 14.33 1.00 1.82
C ALA A 47 15.83 1.26 2.03
N LYS A 48 16.40 2.20 1.25
CA LYS A 48 17.85 2.50 1.29
C LYS A 48 18.28 3.00 2.67
N ILE A 49 17.37 3.74 3.36
CA ILE A 49 17.62 4.26 4.72
C ILE A 49 17.83 3.10 5.71
N TYR A 50 16.98 2.07 5.61
CA TYR A 50 16.99 0.90 6.52
C TYR A 50 17.77 -0.28 5.92
N GLN A 51 18.53 -0.02 4.81
CA GLN A 51 19.37 -1.03 4.10
C GLN A 51 18.53 -2.08 3.33
N LEU A 52 17.19 -1.96 3.42
CA LEU A 52 16.23 -2.91 2.83
C LEU A 52 16.06 -2.65 1.31
N THR A 53 15.24 -3.48 0.64
CA THR A 53 14.98 -3.36 -0.81
C THR A 53 13.48 -3.61 -1.10
N VAL A 54 12.95 -2.94 -2.14
CA VAL A 54 11.52 -2.97 -2.48
C VAL A 54 11.22 -3.96 -3.63
N HIS A 55 10.10 -4.67 -3.50
CA HIS A 55 9.60 -5.58 -4.53
C HIS A 55 8.09 -5.34 -4.72
N VAL A 56 7.75 -4.57 -5.78
CA VAL A 56 6.36 -4.26 -6.15
C VAL A 56 5.73 -5.46 -6.85
N HIS A 57 4.74 -6.11 -6.23
CA HIS A 57 4.02 -7.26 -6.81
C HIS A 57 2.52 -6.97 -6.82
N GLY A 58 2.05 -6.38 -7.94
CA GLY A 58 0.68 -5.92 -8.05
C GLY A 58 0.44 -4.68 -7.18
N ASP A 59 -0.72 -4.63 -6.49
CA ASP A 59 -1.03 -3.57 -5.51
C ASP A 59 -0.25 -3.80 -4.19
N THR A 60 0.32 -5.00 -4.02
CA THR A 60 1.06 -5.35 -2.80
C THR A 60 2.58 -5.11 -3.00
N ILE A 61 3.05 -3.96 -2.50
CA ILE A 61 4.48 -3.63 -2.44
C ILE A 61 5.07 -4.20 -1.14
N HIS A 62 5.92 -5.23 -1.24
CA HIS A 62 6.61 -5.80 -0.07
C HIS A 62 8.07 -5.33 -0.06
N VAL A 63 8.47 -4.67 1.03
CA VAL A 63 9.86 -4.27 1.27
C VAL A 63 10.57 -5.42 2.01
N LYS A 64 11.51 -6.08 1.30
CA LYS A 64 12.35 -7.17 1.82
C LYS A 64 13.34 -6.59 2.87
N MET A 1 -62.24 -11.56 -4.62
CA MET A 1 -61.12 -11.57 -5.58
C MET A 1 -60.43 -10.19 -5.59
N GLY A 2 -59.27 -10.11 -4.93
CA GLY A 2 -58.46 -8.89 -4.86
C GLY A 2 -57.14 -9.11 -4.13
N SER A 3 -56.12 -8.32 -4.49
CA SER A 3 -54.79 -8.37 -3.87
C SER A 3 -54.10 -7.00 -3.97
N SER A 4 -52.93 -6.89 -3.35
CA SER A 4 -52.08 -5.70 -3.41
C SER A 4 -50.65 -6.09 -3.82
N HIS A 5 -49.99 -5.21 -4.61
CA HIS A 5 -48.63 -5.44 -5.13
C HIS A 5 -47.63 -4.48 -4.46
N HIS A 6 -46.33 -4.61 -4.83
CA HIS A 6 -45.24 -3.76 -4.30
C HIS A 6 -44.06 -3.73 -5.29
N HIS A 7 -43.50 -2.53 -5.50
CA HIS A 7 -42.28 -2.30 -6.34
C HIS A 7 -41.40 -1.24 -5.65
N HIS A 8 -40.07 -1.28 -5.93
CA HIS A 8 -39.10 -0.31 -5.36
C HIS A 8 -39.33 1.10 -5.96
N HIS A 9 -39.40 2.11 -5.08
CA HIS A 9 -39.55 3.53 -5.48
C HIS A 9 -38.34 4.34 -5.02
N HIS A 10 -37.92 4.11 -3.76
CA HIS A 10 -36.73 4.76 -3.17
C HIS A 10 -35.67 3.68 -2.83
N SER A 11 -34.57 3.69 -3.59
CA SER A 11 -33.46 2.73 -3.43
C SER A 11 -32.21 3.49 -2.98
N SER A 12 -31.69 3.14 -1.81
CA SER A 12 -30.43 3.68 -1.31
C SER A 12 -29.27 3.08 -2.12
N GLY A 13 -28.37 3.95 -2.61
CA GLY A 13 -27.20 3.52 -3.36
C GLY A 13 -26.06 3.08 -2.45
N LEU A 14 -24.93 3.77 -2.54
CA LEU A 14 -23.71 3.46 -1.78
C LEU A 14 -22.70 4.62 -1.90
N VAL A 15 -21.55 4.49 -1.23
CA VAL A 15 -20.44 5.45 -1.34
C VAL A 15 -19.47 5.02 -2.47
N PRO A 16 -18.94 5.98 -3.30
CA PRO A 16 -18.00 5.66 -4.41
C PRO A 16 -16.55 5.42 -3.91
N ARG A 17 -16.33 4.23 -3.32
CA ARG A 17 -14.98 3.74 -2.94
C ARG A 17 -14.76 2.37 -3.60
N GLY A 18 -13.77 2.30 -4.49
CA GLY A 18 -13.33 1.03 -5.10
C GLY A 18 -12.08 0.50 -4.42
N SER A 19 -11.81 -0.80 -4.54
CA SER A 19 -10.67 -1.43 -3.85
C SER A 19 -9.39 -1.32 -4.69
N HIS A 20 -8.58 -0.31 -4.36
CA HIS A 20 -7.24 -0.07 -4.94
C HIS A 20 -6.43 0.73 -3.91
N MET A 21 -5.60 0.02 -3.14
CA MET A 21 -4.67 0.63 -2.16
C MET A 21 -3.36 -0.18 -2.13
N THR A 22 -2.27 0.47 -2.59
CA THR A 22 -0.93 -0.12 -2.64
C THR A 22 -0.33 -0.17 -1.22
N THR A 23 -0.28 -1.38 -0.65
CA THR A 23 0.18 -1.63 0.72
C THR A 23 1.67 -2.03 0.72
N VAL A 24 2.52 -1.08 1.08
CA VAL A 24 3.93 -1.34 1.35
C VAL A 24 4.05 -2.06 2.73
N LYS A 25 4.27 -3.38 2.69
CA LYS A 25 4.47 -4.22 3.90
C LYS A 25 5.97 -4.39 4.14
N LEU A 26 6.46 -3.88 5.27
CA LEU A 26 7.88 -4.05 5.67
C LEU A 26 8.00 -5.37 6.46
N GLY A 27 8.79 -5.38 7.56
CA GLY A 27 8.78 -6.48 8.51
C GLY A 27 7.49 -6.44 9.32
N ASP A 28 6.41 -7.00 8.73
CA ASP A 28 5.01 -7.02 9.26
C ASP A 28 4.42 -5.59 9.53
N ILE A 29 5.12 -4.54 9.07
CA ILE A 29 4.70 -3.14 9.25
C ILE A 29 3.70 -2.74 8.15
N LYS A 30 2.62 -2.05 8.56
CA LYS A 30 1.53 -1.64 7.66
C LYS A 30 1.74 -0.18 7.21
N VAL A 31 2.17 -0.01 5.95
CA VAL A 31 2.29 1.30 5.28
C VAL A 31 1.42 1.25 4.01
N THR A 32 0.27 1.94 4.00
CA THR A 32 -0.73 1.81 2.91
C THR A 32 -1.09 3.17 2.32
N PHE A 33 -1.20 3.23 0.97
CA PHE A 33 -1.61 4.45 0.23
C PHE A 33 -2.63 4.08 -0.86
N ASP A 34 -3.76 4.83 -0.88
CA ASP A 34 -4.88 4.59 -1.83
C ASP A 34 -4.42 4.82 -3.29
N ASN A 35 -3.71 5.92 -3.53
CA ASN A 35 -3.10 6.23 -4.83
C ASN A 35 -1.72 5.56 -4.90
N PRO A 36 -1.51 4.60 -5.88
CA PRO A 36 -0.24 3.86 -6.05
C PRO A 36 0.97 4.78 -6.26
N GLU A 37 0.72 6.03 -6.74
CA GLU A 37 1.75 7.07 -6.92
C GLU A 37 2.58 7.28 -5.63
N LYS A 38 1.88 7.53 -4.51
CA LYS A 38 2.51 7.86 -3.22
C LYS A 38 3.35 6.69 -2.71
N ALA A 39 2.75 5.49 -2.65
CA ALA A 39 3.45 4.27 -2.20
C ALA A 39 4.63 3.90 -3.10
N LYS A 40 4.54 4.25 -4.40
CA LYS A 40 5.61 4.03 -5.39
C LYS A 40 6.85 4.90 -5.08
N LYS A 41 6.60 6.19 -4.79
CA LYS A 41 7.65 7.18 -4.48
C LYS A 41 8.30 6.90 -3.10
N TYR A 42 7.45 6.52 -2.13
CA TYR A 42 7.85 6.39 -0.71
C TYR A 42 8.67 5.10 -0.48
N ALA A 43 8.25 3.99 -1.11
CA ALA A 43 8.85 2.64 -0.92
C ALA A 43 10.30 2.56 -1.43
N GLN A 44 10.56 3.21 -2.59
CA GLN A 44 11.90 3.19 -3.20
C GLN A 44 12.88 4.06 -2.38
N LYS A 45 12.36 5.16 -1.78
CA LYS A 45 13.16 6.08 -0.94
C LYS A 45 13.38 5.45 0.46
N LEU A 46 12.41 4.61 0.87
CA LEU A 46 12.43 3.84 2.13
C LEU A 46 13.60 2.83 2.13
N ALA A 47 13.94 2.32 0.93
CA ALA A 47 15.07 1.38 0.69
C ALA A 47 16.42 1.98 1.13
N LYS A 48 16.53 3.32 1.08
CA LYS A 48 17.77 4.04 1.46
C LYS A 48 17.87 4.20 2.98
N ILE A 49 16.70 4.40 3.64
CA ILE A 49 16.61 4.62 5.10
C ILE A 49 17.11 3.40 5.87
N TYR A 50 16.44 2.26 5.64
CA TYR A 50 16.67 1.01 6.39
C TYR A 50 17.76 0.13 5.73
N GLN A 51 18.02 0.39 4.43
CA GLN A 51 18.91 -0.42 3.57
C GLN A 51 18.38 -1.87 3.46
N LEU A 52 17.25 -2.02 2.75
CA LEU A 52 16.49 -3.29 2.66
C LEU A 52 16.14 -3.67 1.20
N THR A 53 15.49 -4.85 1.06
CA THR A 53 15.16 -5.47 -0.23
C THR A 53 13.69 -5.19 -0.60
N VAL A 54 13.47 -4.25 -1.53
CA VAL A 54 12.14 -3.94 -2.08
C VAL A 54 11.69 -5.06 -3.04
N HIS A 55 10.63 -5.79 -2.65
CA HIS A 55 10.07 -6.91 -3.43
C HIS A 55 8.57 -6.62 -3.73
N VAL A 56 8.30 -6.01 -4.89
CA VAL A 56 6.94 -5.63 -5.31
C VAL A 56 6.24 -6.82 -6.00
N HIS A 57 5.18 -7.35 -5.36
CA HIS A 57 4.28 -8.36 -5.96
C HIS A 57 2.84 -7.84 -5.88
N GLY A 58 2.38 -7.22 -6.99
CA GLY A 58 1.05 -6.58 -7.05
C GLY A 58 1.04 -5.23 -6.33
N ASP A 59 -0.08 -4.93 -5.64
CA ASP A 59 -0.18 -3.73 -4.74
C ASP A 59 0.66 -3.92 -3.46
N THR A 60 1.06 -5.16 -3.19
CA THR A 60 1.83 -5.50 -1.98
C THR A 60 3.33 -5.31 -2.26
N ILE A 61 3.86 -4.13 -1.87
CA ILE A 61 5.31 -3.88 -1.93
C ILE A 61 5.95 -4.39 -0.62
N HIS A 62 6.50 -5.61 -0.66
CA HIS A 62 7.10 -6.23 0.53
C HIS A 62 8.60 -5.87 0.59
N VAL A 63 8.93 -4.83 1.37
CA VAL A 63 10.33 -4.43 1.59
C VAL A 63 10.87 -5.17 2.83
N LYS A 64 11.41 -6.39 2.61
CA LYS A 64 11.96 -7.22 3.70
C LYS A 64 13.30 -6.64 4.22
N MET A 1 -54.58 -2.16 4.24
CA MET A 1 -55.08 -1.69 5.54
C MET A 1 -53.90 -1.41 6.48
N GLY A 2 -53.50 -0.13 6.58
CA GLY A 2 -52.41 0.30 7.44
C GLY A 2 -52.82 0.31 8.90
N SER A 3 -52.43 -0.74 9.63
CA SER A 3 -52.74 -0.92 11.06
C SER A 3 -51.72 -1.87 11.70
N SER A 4 -51.09 -1.41 12.83
CA SER A 4 -50.09 -2.18 13.63
C SER A 4 -48.71 -2.22 12.93
N HIS A 5 -48.66 -2.70 11.67
CA HIS A 5 -47.42 -2.79 10.90
C HIS A 5 -46.97 -1.40 10.41
N HIS A 6 -45.68 -1.11 10.58
CA HIS A 6 -45.03 0.10 10.07
C HIS A 6 -43.72 -0.32 9.37
N HIS A 7 -43.70 -0.26 8.03
CA HIS A 7 -42.52 -0.60 7.23
C HIS A 7 -41.36 0.36 7.56
N HIS A 8 -40.41 -0.13 8.36
CA HIS A 8 -39.27 0.67 8.84
C HIS A 8 -38.18 0.70 7.75
N HIS A 9 -38.28 1.69 6.83
CA HIS A 9 -37.26 1.89 5.78
C HIS A 9 -36.05 2.61 6.36
N HIS A 10 -34.88 2.41 5.73
CA HIS A 10 -33.60 2.96 6.20
C HIS A 10 -33.06 4.02 5.21
N SER A 11 -31.86 4.54 5.51
CA SER A 11 -31.14 5.50 4.65
C SER A 11 -30.10 4.73 3.80
N SER A 12 -29.98 5.08 2.52
CA SER A 12 -29.00 4.48 1.61
C SER A 12 -27.68 5.28 1.65
N GLY A 13 -26.68 4.71 2.36
CA GLY A 13 -25.34 5.32 2.45
C GLY A 13 -24.54 5.13 1.16
N LEU A 14 -23.99 6.23 0.63
CA LEU A 14 -23.28 6.22 -0.66
C LEU A 14 -21.83 5.75 -0.45
N VAL A 15 -21.56 4.47 -0.76
CA VAL A 15 -20.20 3.88 -0.67
C VAL A 15 -19.53 3.89 -2.07
N PRO A 16 -18.55 4.82 -2.34
CA PRO A 16 -17.83 4.91 -3.63
C PRO A 16 -16.57 3.99 -3.66
N ARG A 17 -16.74 2.75 -3.16
CA ARG A 17 -15.66 1.73 -3.11
C ARG A 17 -15.10 1.43 -4.53
N GLY A 18 -13.77 1.27 -4.62
CA GLY A 18 -13.12 0.96 -5.89
C GLY A 18 -11.63 1.28 -5.88
N SER A 19 -11.26 2.38 -5.19
CA SER A 19 -9.87 2.86 -5.13
C SER A 19 -8.99 1.90 -4.33
N HIS A 20 -8.25 1.04 -5.05
CA HIS A 20 -7.35 0.04 -4.44
C HIS A 20 -6.04 0.72 -4.04
N MET A 21 -5.77 0.71 -2.73
CA MET A 21 -4.55 1.28 -2.15
C MET A 21 -3.40 0.25 -2.21
N THR A 22 -2.17 0.75 -2.42
CA THR A 22 -0.96 -0.09 -2.43
C THR A 22 -0.58 -0.48 -0.98
N THR A 23 -0.61 -1.78 -0.69
CA THR A 23 -0.22 -2.31 0.61
C THR A 23 1.33 -2.48 0.64
N VAL A 24 1.99 -1.51 1.27
CA VAL A 24 3.44 -1.56 1.52
C VAL A 24 3.68 -2.26 2.87
N LYS A 25 4.12 -3.53 2.80
CA LYS A 25 4.43 -4.31 3.99
C LYS A 25 5.93 -4.18 4.31
N LEU A 26 6.23 -3.36 5.32
CA LEU A 26 7.57 -3.26 5.92
C LEU A 26 7.67 -4.33 7.06
N GLY A 27 8.86 -4.51 7.65
CA GLY A 27 9.09 -5.51 8.70
C GLY A 27 8.17 -5.35 9.92
N ASP A 28 7.07 -6.15 9.95
CA ASP A 28 6.01 -6.11 10.99
C ASP A 28 5.23 -4.77 11.00
N ILE A 29 5.36 -3.99 9.92
CA ILE A 29 4.72 -2.67 9.77
C ILE A 29 3.83 -2.68 8.52
N LYS A 30 2.52 -2.45 8.71
CA LYS A 30 1.55 -2.39 7.62
C LYS A 30 1.27 -0.92 7.27
N VAL A 31 1.75 -0.49 6.10
CA VAL A 31 1.51 0.84 5.54
C VAL A 31 0.70 0.72 4.25
N THR A 32 -0.62 0.90 4.30
CA THR A 32 -1.44 0.99 3.09
C THR A 32 -1.52 2.49 2.69
N PHE A 33 -0.87 2.82 1.57
CA PHE A 33 -0.70 4.21 1.13
C PHE A 33 -1.85 4.59 0.19
N ASP A 34 -2.27 5.88 0.27
CA ASP A 34 -3.41 6.46 -0.46
C ASP A 34 -3.31 6.26 -1.98
N ASN A 35 -2.36 6.96 -2.63
CA ASN A 35 -2.18 6.91 -4.09
C ASN A 35 -0.99 5.99 -4.47
N PRO A 36 -1.24 4.91 -5.30
CA PRO A 36 -0.19 3.94 -5.75
C PRO A 36 1.01 4.60 -6.46
N GLU A 37 0.72 5.71 -7.16
CA GLU A 37 1.71 6.51 -7.90
C GLU A 37 2.85 7.01 -6.97
N LYS A 38 2.47 7.46 -5.76
CA LYS A 38 3.41 7.98 -4.75
C LYS A 38 3.89 6.86 -3.84
N ALA A 39 3.03 5.84 -3.62
CA ALA A 39 3.34 4.67 -2.76
C ALA A 39 4.59 3.91 -3.22
N LYS A 40 4.74 3.86 -4.55
CA LYS A 40 5.89 3.27 -5.24
C LYS A 40 7.20 3.89 -4.73
N LYS A 41 7.32 5.22 -4.90
CA LYS A 41 8.57 5.98 -4.68
C LYS A 41 8.79 6.26 -3.18
N TYR A 42 7.67 6.28 -2.44
CA TYR A 42 7.64 6.41 -0.97
C TYR A 42 8.26 5.14 -0.33
N ALA A 43 7.89 3.96 -0.88
CA ALA A 43 8.40 2.65 -0.41
C ALA A 43 9.85 2.45 -0.85
N GLN A 44 10.20 3.01 -2.04
CA GLN A 44 11.58 3.02 -2.55
C GLN A 44 12.49 3.91 -1.70
N LYS A 45 11.90 4.97 -1.12
CA LYS A 45 12.59 5.84 -0.16
C LYS A 45 12.76 5.11 1.18
N LEU A 46 11.62 4.58 1.68
CA LEU A 46 11.51 3.93 3.00
C LEU A 46 12.53 2.79 3.16
N ALA A 47 12.54 1.88 2.17
CA ALA A 47 13.43 0.71 2.15
C ALA A 47 14.90 1.14 1.93
N LYS A 48 15.12 2.20 1.11
CA LYS A 48 16.48 2.72 0.81
C LYS A 48 17.17 3.23 2.08
N ILE A 49 16.38 3.91 2.95
CA ILE A 49 16.87 4.45 4.23
C ILE A 49 17.44 3.34 5.13
N TYR A 50 16.79 2.16 5.09
CA TYR A 50 17.20 0.96 5.88
C TYR A 50 18.05 -0.02 5.02
N GLN A 51 18.34 0.38 3.75
CA GLN A 51 19.15 -0.40 2.77
C GLN A 51 18.50 -1.76 2.40
N LEU A 52 17.19 -1.86 2.68
CA LEU A 52 16.36 -3.03 2.36
C LEU A 52 15.83 -2.93 0.92
N THR A 53 15.45 -4.07 0.33
CA THR A 53 15.08 -4.15 -1.11
C THR A 53 13.55 -4.05 -1.30
N VAL A 54 13.15 -3.32 -2.36
CA VAL A 54 11.73 -3.08 -2.69
C VAL A 54 11.24 -4.18 -3.65
N HIS A 55 10.71 -5.27 -3.08
CA HIS A 55 10.25 -6.44 -3.85
C HIS A 55 8.74 -6.27 -4.11
N VAL A 56 8.41 -5.66 -5.25
CA VAL A 56 7.02 -5.34 -5.62
C VAL A 56 6.37 -6.59 -6.26
N HIS A 57 5.63 -7.35 -5.44
CA HIS A 57 4.85 -8.51 -5.89
C HIS A 57 3.39 -8.06 -6.12
N GLY A 58 3.07 -7.71 -7.38
CA GLY A 58 1.74 -7.22 -7.74
C GLY A 58 1.48 -5.83 -7.18
N ASP A 59 0.28 -5.65 -6.62
CA ASP A 59 -0.12 -4.39 -5.94
C ASP A 59 0.66 -4.18 -4.62
N THR A 60 1.10 -5.30 -4.02
CA THR A 60 1.72 -5.31 -2.68
C THR A 60 3.25 -5.16 -2.78
N ILE A 61 3.77 -4.10 -2.13
CA ILE A 61 5.22 -3.88 -2.01
C ILE A 61 5.73 -4.61 -0.75
N HIS A 62 6.35 -5.77 -0.99
CA HIS A 62 7.00 -6.59 0.04
C HIS A 62 8.44 -6.11 0.23
N VAL A 63 8.86 -5.88 1.50
CA VAL A 63 10.26 -5.55 1.82
C VAL A 63 11.09 -6.85 1.88
N LYS A 64 12.38 -6.75 1.49
CA LYS A 64 13.35 -7.89 1.46
C LYS A 64 12.93 -8.89 0.35
N MET A 1 -44.67 18.10 -34.59
CA MET A 1 -44.94 17.85 -33.16
C MET A 1 -43.93 16.82 -32.61
N GLY A 2 -43.08 17.27 -31.66
CA GLY A 2 -42.06 16.42 -31.07
C GLY A 2 -41.41 17.07 -29.86
N SER A 3 -42.23 17.69 -29.00
CA SER A 3 -41.78 18.27 -27.73
C SER A 3 -41.82 17.18 -26.62
N SER A 4 -41.00 16.13 -26.83
CA SER A 4 -40.95 14.96 -25.95
C SER A 4 -40.26 15.32 -24.61
N HIS A 5 -40.74 14.72 -23.52
CA HIS A 5 -40.14 14.88 -22.19
C HIS A 5 -38.82 14.07 -22.16
N HIS A 6 -37.75 14.74 -22.61
CA HIS A 6 -36.43 14.13 -22.86
C HIS A 6 -35.81 13.59 -21.57
N HIS A 7 -36.11 14.27 -20.45
CA HIS A 7 -35.60 13.91 -19.12
C HIS A 7 -36.38 14.67 -18.05
N HIS A 8 -36.44 14.07 -16.84
CA HIS A 8 -37.03 14.69 -15.65
C HIS A 8 -35.91 14.86 -14.61
N HIS A 9 -35.83 16.05 -13.97
CA HIS A 9 -34.69 16.37 -13.07
C HIS A 9 -34.70 15.45 -11.82
N HIS A 10 -33.53 14.87 -11.52
CA HIS A 10 -33.31 13.99 -10.36
C HIS A 10 -32.03 14.41 -9.63
N SER A 11 -32.06 14.38 -8.29
CA SER A 11 -30.94 14.78 -7.43
C SER A 11 -30.01 13.58 -7.16
N SER A 12 -30.62 12.38 -7.06
CA SER A 12 -29.89 11.12 -6.84
C SER A 12 -29.13 10.71 -8.12
N GLY A 13 -27.80 10.57 -7.99
CA GLY A 13 -26.94 10.15 -9.09
C GLY A 13 -25.59 9.70 -8.57
N LEU A 14 -25.64 8.84 -7.53
CA LEU A 14 -24.43 8.36 -6.81
C LEU A 14 -23.67 7.34 -7.67
N VAL A 15 -22.54 7.77 -8.26
CA VAL A 15 -21.69 6.94 -9.14
C VAL A 15 -20.29 6.76 -8.49
N PRO A 16 -20.05 5.63 -7.76
CA PRO A 16 -18.75 5.36 -7.11
C PRO A 16 -17.79 4.53 -8.00
N ARG A 17 -16.66 4.11 -7.43
CA ARG A 17 -15.64 3.30 -8.12
C ARG A 17 -14.76 2.56 -7.09
N GLY A 18 -14.27 1.35 -7.48
CA GLY A 18 -13.38 0.56 -6.62
C GLY A 18 -12.04 1.26 -6.35
N SER A 19 -11.72 1.47 -5.07
CA SER A 19 -10.50 2.17 -4.63
C SER A 19 -9.30 1.21 -4.58
N HIS A 20 -8.33 1.42 -5.49
CA HIS A 20 -7.11 0.59 -5.59
C HIS A 20 -6.01 1.17 -4.69
N MET A 21 -5.64 0.41 -3.65
CA MET A 21 -4.62 0.81 -2.68
C MET A 21 -3.38 -0.10 -2.78
N THR A 22 -2.19 0.51 -2.80
CA THR A 22 -0.91 -0.19 -2.80
C THR A 22 -0.55 -0.59 -1.34
N THR A 23 -0.78 -1.87 -1.00
CA THR A 23 -0.53 -2.38 0.35
C THR A 23 0.95 -2.72 0.53
N VAL A 24 1.67 -1.84 1.24
CA VAL A 24 3.10 -1.96 1.50
C VAL A 24 3.34 -2.77 2.80
N LYS A 25 3.84 -4.01 2.64
CA LYS A 25 4.21 -4.87 3.76
C LYS A 25 5.60 -4.44 4.27
N LEU A 26 5.64 -3.68 5.36
CA LEU A 26 6.89 -3.15 5.97
C LEU A 26 7.34 -4.13 7.07
N GLY A 27 8.66 -4.14 7.38
CA GLY A 27 9.19 -4.98 8.46
C GLY A 27 8.48 -4.74 9.80
N ASP A 28 7.54 -5.66 10.13
CA ASP A 28 6.75 -5.66 11.39
C ASP A 28 5.72 -4.52 11.47
N ILE A 29 5.49 -3.81 10.36
CA ILE A 29 4.52 -2.69 10.28
C ILE A 29 3.57 -2.89 9.07
N LYS A 30 2.28 -2.58 9.25
CA LYS A 30 1.28 -2.61 8.16
C LYS A 30 1.16 -1.20 7.58
N VAL A 31 1.35 -1.10 6.26
CA VAL A 31 1.20 0.17 5.51
C VAL A 31 0.32 -0.10 4.27
N THR A 32 -0.50 0.89 3.89
CA THR A 32 -1.28 0.84 2.65
C THR A 32 -1.57 2.28 2.18
N PHE A 33 -1.28 2.55 0.90
CA PHE A 33 -1.48 3.87 0.30
C PHE A 33 -2.67 3.82 -0.67
N ASP A 34 -3.77 4.49 -0.28
CA ASP A 34 -4.95 4.68 -1.16
C ASP A 34 -4.54 5.42 -2.45
N ASN A 35 -3.51 6.28 -2.32
CA ASN A 35 -2.84 6.93 -3.46
C ASN A 35 -1.67 6.04 -3.94
N PRO A 36 -1.79 5.36 -5.11
CA PRO A 36 -0.71 4.50 -5.67
C PRO A 36 0.46 5.33 -6.25
N GLU A 37 0.27 6.66 -6.39
CA GLU A 37 1.24 7.53 -7.07
C GLU A 37 2.59 7.58 -6.31
N LYS A 38 2.59 8.22 -5.13
CA LYS A 38 3.83 8.43 -4.33
C LYS A 38 4.26 7.14 -3.62
N ALA A 39 3.38 6.12 -3.60
CA ALA A 39 3.62 4.82 -2.94
C ALA A 39 4.94 4.15 -3.39
N LYS A 40 5.21 4.22 -4.70
CA LYS A 40 6.35 3.54 -5.34
C LYS A 40 7.68 4.31 -5.10
N LYS A 41 7.61 5.64 -4.99
CA LYS A 41 8.80 6.52 -4.89
C LYS A 41 9.25 6.58 -3.42
N TYR A 42 8.25 6.65 -2.54
CA TYR A 42 8.43 6.62 -1.09
C TYR A 42 9.02 5.27 -0.65
N ALA A 43 8.51 4.17 -1.23
CA ALA A 43 8.91 2.80 -0.87
C ALA A 43 10.42 2.58 -1.12
N GLN A 44 10.88 2.94 -2.33
CA GLN A 44 12.29 2.74 -2.73
C GLN A 44 13.24 3.68 -1.97
N LYS A 45 12.74 4.87 -1.61
CA LYS A 45 13.50 5.85 -0.83
C LYS A 45 13.68 5.37 0.62
N LEU A 46 12.60 4.81 1.17
CA LEU A 46 12.56 4.33 2.55
C LEU A 46 13.42 3.04 2.68
N ALA A 47 13.44 2.26 1.59
CA ALA A 47 14.28 1.05 1.46
C ALA A 47 15.77 1.39 1.52
N LYS A 48 16.13 2.51 0.87
CA LYS A 48 17.50 3.01 0.85
C LYS A 48 17.98 3.35 2.27
N ILE A 49 17.09 4.00 3.04
CA ILE A 49 17.36 4.42 4.43
C ILE A 49 17.55 3.19 5.34
N TYR A 50 16.55 2.29 5.31
CA TYR A 50 16.53 1.06 6.15
C TYR A 50 17.37 -0.08 5.54
N GLN A 51 18.05 0.20 4.41
CA GLN A 51 18.99 -0.72 3.73
C GLN A 51 18.30 -2.00 3.23
N LEU A 52 16.95 -1.93 3.12
CA LEU A 52 16.09 -3.05 2.66
C LEU A 52 15.88 -2.98 1.14
N THR A 53 15.21 -4.00 0.57
CA THR A 53 14.98 -4.09 -0.89
C THR A 53 13.47 -4.22 -1.18
N VAL A 54 12.95 -3.27 -1.97
CA VAL A 54 11.54 -3.24 -2.38
C VAL A 54 11.25 -4.38 -3.38
N HIS A 55 10.67 -5.47 -2.86
CA HIS A 55 10.23 -6.62 -3.66
C HIS A 55 8.72 -6.53 -3.89
N VAL A 56 8.36 -6.20 -5.15
CA VAL A 56 6.97 -5.92 -5.55
C VAL A 56 6.36 -7.13 -6.28
N HIS A 57 5.18 -7.56 -5.84
CA HIS A 57 4.33 -8.49 -6.61
C HIS A 57 2.91 -7.91 -6.63
N GLY A 58 2.59 -7.18 -7.71
CA GLY A 58 1.31 -6.48 -7.83
C GLY A 58 1.19 -5.27 -6.92
N ASP A 59 0.03 -5.09 -6.28
CA ASP A 59 -0.20 -4.02 -5.28
C ASP A 59 0.57 -4.30 -3.98
N THR A 60 0.99 -5.56 -3.78
CA THR A 60 1.70 -6.00 -2.58
C THR A 60 3.21 -5.66 -2.69
N ILE A 61 3.61 -4.50 -2.15
CA ILE A 61 5.01 -4.07 -2.09
C ILE A 61 5.59 -4.42 -0.71
N HIS A 62 6.39 -5.50 -0.61
CA HIS A 62 7.08 -5.83 0.64
C HIS A 62 8.53 -5.33 0.58
N VAL A 63 8.81 -4.33 1.42
CA VAL A 63 10.12 -3.67 1.48
C VAL A 63 11.01 -4.46 2.46
N LYS A 64 11.62 -5.53 1.90
CA LYS A 64 12.59 -6.43 2.54
C LYS A 64 12.67 -7.72 1.68
N MET A 1 -42.95 -10.29 5.60
CA MET A 1 -42.37 -11.36 6.44
C MET A 1 -43.48 -12.32 6.89
N GLY A 2 -43.89 -13.24 6.00
CA GLY A 2 -45.02 -14.13 6.26
C GLY A 2 -44.62 -15.40 7.00
N SER A 3 -44.69 -16.55 6.32
CA SER A 3 -44.29 -17.87 6.88
C SER A 3 -42.84 -18.20 6.50
N SER A 4 -42.39 -17.64 5.36
CA SER A 4 -41.00 -17.79 4.89
C SER A 4 -40.06 -16.94 5.77
N HIS A 5 -39.26 -17.61 6.63
CA HIS A 5 -38.26 -16.96 7.49
C HIS A 5 -36.89 -17.61 7.24
N HIS A 6 -36.02 -16.87 6.54
CA HIS A 6 -34.67 -17.33 6.18
C HIS A 6 -33.80 -16.14 5.74
N HIS A 7 -32.70 -15.91 6.47
CA HIS A 7 -31.72 -14.85 6.15
C HIS A 7 -30.75 -15.34 5.07
N HIS A 8 -30.18 -14.39 4.31
CA HIS A 8 -29.04 -14.65 3.40
C HIS A 8 -27.75 -14.17 4.07
N HIS A 9 -26.60 -14.73 3.67
CA HIS A 9 -25.30 -14.40 4.28
C HIS A 9 -24.15 -14.71 3.31
N HIS A 10 -23.34 -13.69 2.98
CA HIS A 10 -22.04 -13.87 2.33
C HIS A 10 -20.94 -13.87 3.41
N SER A 11 -20.79 -15.04 4.05
CA SER A 11 -19.77 -15.28 5.09
C SER A 11 -18.36 -15.20 4.47
N SER A 12 -17.81 -13.97 4.44
CA SER A 12 -16.54 -13.65 3.76
C SER A 12 -16.06 -12.25 4.20
N GLY A 13 -14.84 -12.19 4.76
CA GLY A 13 -14.26 -10.94 5.27
C GLY A 13 -13.34 -10.26 4.25
N LEU A 14 -13.97 -9.56 3.29
CA LEU A 14 -13.25 -8.70 2.30
C LEU A 14 -12.86 -7.38 2.98
N VAL A 15 -11.96 -6.59 2.35
CA VAL A 15 -11.52 -5.29 2.90
C VAL A 15 -12.73 -4.30 2.97
N PRO A 16 -12.94 -3.60 4.14
CA PRO A 16 -14.06 -2.64 4.30
C PRO A 16 -13.81 -1.30 3.57
N ARG A 17 -12.60 -1.13 3.04
CA ARG A 17 -12.18 0.08 2.33
C ARG A 17 -12.59 -0.06 0.85
N GLY A 18 -13.67 0.65 0.48
CA GLY A 18 -14.20 0.65 -0.90
C GLY A 18 -13.22 1.26 -1.89
N SER A 19 -12.50 2.29 -1.45
CA SER A 19 -11.41 2.93 -2.21
C SER A 19 -10.18 2.00 -2.21
N HIS A 20 -9.73 1.61 -3.41
CA HIS A 20 -8.57 0.72 -3.59
C HIS A 20 -7.29 1.39 -3.05
N MET A 21 -6.50 0.62 -2.28
CA MET A 21 -5.23 1.09 -1.68
C MET A 21 -4.08 0.14 -2.04
N THR A 22 -2.88 0.72 -2.15
CA THR A 22 -1.62 -0.01 -2.32
C THR A 22 -0.91 -0.09 -0.95
N THR A 23 -0.83 -1.31 -0.41
CA THR A 23 -0.28 -1.55 0.93
C THR A 23 1.21 -1.91 0.83
N VAL A 24 2.07 -0.98 1.32
CA VAL A 24 3.51 -1.24 1.46
C VAL A 24 3.70 -2.07 2.74
N LYS A 25 3.91 -3.38 2.58
CA LYS A 25 3.98 -4.33 3.70
C LYS A 25 5.40 -4.88 3.88
N LEU A 26 5.99 -4.59 5.03
CA LEU A 26 7.36 -5.02 5.40
C LEU A 26 7.30 -5.97 6.60
N GLY A 27 8.48 -6.32 7.16
CA GLY A 27 8.60 -7.26 8.28
C GLY A 27 7.73 -6.86 9.48
N ASP A 28 6.51 -7.44 9.54
CA ASP A 28 5.46 -7.19 10.57
C ASP A 28 4.74 -5.84 10.34
N ILE A 29 5.51 -4.75 10.18
CA ILE A 29 5.01 -3.37 10.05
C ILE A 29 4.13 -3.20 8.78
N LYS A 30 3.03 -2.45 8.93
CA LYS A 30 2.05 -2.19 7.85
C LYS A 30 2.07 -0.69 7.50
N VAL A 31 2.34 -0.38 6.24
CA VAL A 31 2.24 0.98 5.68
C VAL A 31 1.21 0.94 4.53
N THR A 32 0.36 1.98 4.41
CA THR A 32 -0.75 1.98 3.43
C THR A 32 -1.00 3.38 2.83
N PHE A 33 -1.04 3.44 1.48
CA PHE A 33 -1.44 4.65 0.70
C PHE A 33 -2.44 4.19 -0.38
N ASP A 34 -3.27 5.13 -0.91
CA ASP A 34 -4.24 4.82 -2.00
C ASP A 34 -3.50 4.48 -3.30
N ASN A 35 -2.77 5.47 -3.79
CA ASN A 35 -2.21 5.45 -5.16
C ASN A 35 -0.94 4.56 -5.24
N PRO A 36 -0.84 3.64 -6.27
CA PRO A 36 0.29 2.68 -6.40
C PRO A 36 1.69 3.34 -6.54
N GLU A 37 1.83 4.27 -7.50
CA GLU A 37 3.15 4.88 -7.82
C GLU A 37 3.53 5.94 -6.77
N LYS A 38 2.52 6.48 -6.06
CA LYS A 38 2.71 7.41 -4.93
C LYS A 38 3.30 6.65 -3.73
N ALA A 39 2.73 5.47 -3.43
CA ALA A 39 3.20 4.57 -2.36
C ALA A 39 4.62 4.07 -2.66
N LYS A 40 4.88 3.81 -3.95
CA LYS A 40 6.19 3.36 -4.45
C LYS A 40 7.23 4.50 -4.37
N LYS A 41 6.74 5.75 -4.57
CA LYS A 41 7.59 6.96 -4.55
C LYS A 41 8.22 7.17 -3.15
N TYR A 42 7.43 6.83 -2.10
CA TYR A 42 7.90 6.86 -0.69
C TYR A 42 8.78 5.62 -0.39
N ALA A 43 8.39 4.49 -1.01
CA ALA A 43 9.00 3.16 -0.78
C ALA A 43 10.49 3.14 -1.20
N GLN A 44 10.80 3.76 -2.36
CA GLN A 44 12.18 3.78 -2.91
C GLN A 44 13.16 4.51 -1.97
N LYS A 45 12.61 5.42 -1.15
CA LYS A 45 13.37 6.15 -0.13
C LYS A 45 13.68 5.24 1.07
N LEU A 46 12.72 4.36 1.43
CA LEU A 46 12.90 3.37 2.52
C LEU A 46 14.03 2.38 2.19
N ALA A 47 14.16 2.08 0.89
CA ALA A 47 15.21 1.19 0.35
C ALA A 47 16.62 1.82 0.44
N LYS A 48 16.66 3.16 0.60
CA LYS A 48 17.90 3.93 0.81
C LYS A 48 18.19 4.09 2.32
N ILE A 49 17.12 4.34 3.11
CA ILE A 49 17.21 4.63 4.56
C ILE A 49 17.51 3.35 5.36
N TYR A 50 16.52 2.44 5.40
CA TYR A 50 16.61 1.19 6.18
C TYR A 50 17.41 0.13 5.43
N GLN A 51 17.56 0.35 4.10
CA GLN A 51 18.35 -0.49 3.18
C GLN A 51 17.66 -1.85 2.90
N LEU A 52 16.40 -2.00 3.38
CA LEU A 52 15.52 -3.12 3.01
C LEU A 52 14.92 -2.78 1.63
N THR A 53 14.97 -3.74 0.71
CA THR A 53 14.67 -3.50 -0.71
C THR A 53 13.18 -3.68 -0.98
N VAL A 54 12.54 -2.60 -1.43
CA VAL A 54 11.10 -2.57 -1.70
C VAL A 54 10.75 -3.41 -2.96
N HIS A 55 10.43 -4.69 -2.73
CA HIS A 55 10.13 -5.64 -3.79
C HIS A 55 8.61 -5.64 -4.04
N VAL A 56 8.20 -5.07 -5.17
CA VAL A 56 6.78 -4.92 -5.50
C VAL A 56 6.16 -6.28 -5.92
N HIS A 57 5.02 -6.62 -5.28
CA HIS A 57 4.25 -7.84 -5.56
C HIS A 57 2.78 -7.44 -5.76
N GLY A 58 2.46 -6.99 -6.98
CA GLY A 58 1.13 -6.47 -7.28
C GLY A 58 0.81 -5.19 -6.50
N ASP A 59 -0.40 -5.12 -5.93
CA ASP A 59 -0.88 -3.96 -5.14
C ASP A 59 -0.32 -3.98 -3.69
N THR A 60 0.60 -4.92 -3.40
CA THR A 60 1.29 -5.02 -2.11
C THR A 60 2.82 -4.91 -2.34
N ILE A 61 3.41 -3.78 -1.90
CA ILE A 61 4.86 -3.55 -2.03
C ILE A 61 5.56 -4.20 -0.83
N HIS A 62 6.12 -5.41 -1.05
CA HIS A 62 6.71 -6.24 0.02
C HIS A 62 8.19 -5.87 0.21
N VAL A 63 8.48 -5.09 1.26
CA VAL A 63 9.84 -4.60 1.54
C VAL A 63 10.66 -5.70 2.23
N LYS A 64 11.63 -6.25 1.50
CA LYS A 64 12.58 -7.25 2.00
C LYS A 64 13.92 -7.08 1.23
N MET A 1 -19.05 -34.05 23.23
CA MET A 1 -19.82 -32.85 22.79
C MET A 1 -21.13 -32.76 23.61
N GLY A 2 -21.15 -31.82 24.57
CA GLY A 2 -22.32 -31.57 25.42
C GLY A 2 -22.04 -30.44 26.41
N SER A 3 -21.37 -29.38 25.90
CA SER A 3 -20.96 -28.21 26.70
C SER A 3 -22.20 -27.45 27.26
N SER A 4 -22.59 -27.83 28.49
CA SER A 4 -23.75 -27.27 29.19
C SER A 4 -23.36 -26.09 30.10
N HIS A 5 -24.37 -25.47 30.77
CA HIS A 5 -24.21 -24.32 31.71
C HIS A 5 -23.91 -22.98 30.97
N HIS A 6 -23.58 -23.06 29.67
CA HIS A 6 -23.13 -21.89 28.89
C HIS A 6 -24.26 -20.87 28.69
N HIS A 7 -23.91 -19.58 28.68
CA HIS A 7 -24.86 -18.49 28.49
C HIS A 7 -24.79 -17.96 27.03
N HIS A 8 -25.66 -16.98 26.71
CA HIS A 8 -25.77 -16.44 25.32
C HIS A 8 -24.61 -15.47 24.98
N HIS A 9 -23.45 -16.06 24.62
CA HIS A 9 -22.22 -15.32 24.28
C HIS A 9 -22.03 -15.32 22.75
N HIS A 10 -21.97 -14.12 22.16
CA HIS A 10 -21.64 -13.89 20.73
C HIS A 10 -20.75 -12.64 20.60
N SER A 11 -20.29 -12.34 19.37
CA SER A 11 -19.38 -11.23 19.09
C SER A 11 -19.86 -10.43 17.86
N SER A 12 -20.78 -9.48 18.12
CA SER A 12 -21.37 -8.60 17.10
C SER A 12 -20.42 -7.41 16.82
N GLY A 13 -19.51 -7.57 15.83
CA GLY A 13 -18.56 -6.53 15.48
C GLY A 13 -17.47 -7.03 14.55
N LEU A 14 -17.77 -7.11 13.26
CA LEU A 14 -16.82 -7.55 12.22
C LEU A 14 -16.35 -6.33 11.38
N VAL A 15 -15.18 -6.47 10.71
CA VAL A 15 -14.62 -5.41 9.85
C VAL A 15 -14.91 -5.76 8.37
N PRO A 16 -15.93 -5.11 7.70
CA PRO A 16 -16.26 -5.38 6.29
C PRO A 16 -15.39 -4.56 5.29
N ARG A 17 -14.38 -3.84 5.83
CA ARG A 17 -13.47 -3.01 5.05
C ARG A 17 -12.44 -3.90 4.32
N GLY A 18 -12.58 -4.02 2.99
CA GLY A 18 -11.70 -4.82 2.16
C GLY A 18 -11.71 -4.34 0.72
N SER A 19 -10.60 -3.70 0.29
CA SER A 19 -10.43 -3.15 -1.08
C SER A 19 -8.95 -3.22 -1.52
N HIS A 20 -8.72 -3.24 -2.84
CA HIS A 20 -7.37 -3.22 -3.43
C HIS A 20 -6.76 -1.82 -3.28
N MET A 21 -5.74 -1.74 -2.42
CA MET A 21 -5.02 -0.51 -2.05
C MET A 21 -3.54 -0.87 -1.88
N THR A 22 -2.63 0.01 -2.31
CA THR A 22 -1.21 -0.32 -2.41
C THR A 22 -0.51 -0.33 -1.03
N THR A 23 -0.56 -1.51 -0.39
CA THR A 23 -0.03 -1.76 0.96
C THR A 23 1.48 -2.09 0.90
N VAL A 24 2.30 -1.26 1.57
CA VAL A 24 3.75 -1.50 1.76
C VAL A 24 3.96 -2.28 3.08
N LYS A 25 4.24 -3.58 2.98
CA LYS A 25 4.47 -4.46 4.14
C LYS A 25 5.98 -4.53 4.49
N LEU A 26 6.30 -4.21 5.75
CA LEU A 26 7.66 -4.26 6.29
C LEU A 26 7.76 -5.39 7.35
N GLY A 27 8.92 -5.46 8.02
CA GLY A 27 9.10 -6.29 9.20
C GLY A 27 8.22 -5.81 10.35
N ASP A 28 7.00 -6.41 10.45
CA ASP A 28 5.96 -6.09 11.47
C ASP A 28 5.14 -4.83 11.10
N ILE A 29 5.83 -3.77 10.61
CA ILE A 29 5.19 -2.47 10.30
C ILE A 29 4.28 -2.60 9.04
N LYS A 30 2.99 -2.30 9.20
CA LYS A 30 2.04 -2.22 8.07
C LYS A 30 1.86 -0.76 7.65
N VAL A 31 2.13 -0.48 6.36
CA VAL A 31 1.90 0.84 5.73
C VAL A 31 0.94 0.64 4.53
N THR A 32 0.05 1.60 4.27
CA THR A 32 -0.96 1.47 3.19
C THR A 32 -1.24 2.82 2.49
N PHE A 33 -1.30 2.75 1.14
CA PHE A 33 -1.66 3.88 0.26
C PHE A 33 -2.76 3.44 -0.72
N ASP A 34 -3.26 4.39 -1.52
CA ASP A 34 -4.33 4.11 -2.51
C ASP A 34 -3.72 3.76 -3.90
N ASN A 35 -2.88 4.65 -4.44
CA ASN A 35 -2.23 4.48 -5.76
C ASN A 35 -0.78 3.98 -5.60
N PRO A 36 -0.25 3.13 -6.57
CA PRO A 36 1.18 2.70 -6.59
C PRO A 36 2.12 3.90 -6.83
N GLU A 37 1.55 4.99 -7.39
CA GLU A 37 2.20 6.29 -7.52
C GLU A 37 2.76 6.75 -6.15
N LYS A 38 1.85 6.76 -5.18
CA LYS A 38 2.10 7.31 -3.84
C LYS A 38 2.94 6.34 -2.98
N ALA A 39 2.71 5.04 -3.19
CA ALA A 39 3.32 3.98 -2.38
C ALA A 39 4.78 3.69 -2.79
N LYS A 40 5.02 3.61 -4.12
CA LYS A 40 6.32 3.17 -4.67
C LYS A 40 7.41 4.22 -4.43
N LYS A 41 7.10 5.53 -4.61
CA LYS A 41 8.09 6.62 -4.43
C LYS A 41 8.59 6.64 -2.97
N TYR A 42 7.62 6.51 -2.05
CA TYR A 42 7.86 6.32 -0.61
C TYR A 42 8.78 5.10 -0.36
N ALA A 43 8.46 4.01 -1.05
CA ALA A 43 9.11 2.71 -0.86
C ALA A 43 10.56 2.69 -1.41
N GLN A 44 10.83 3.47 -2.48
CA GLN A 44 12.18 3.54 -3.08
C GLN A 44 13.12 4.35 -2.16
N LYS A 45 12.54 5.33 -1.45
CA LYS A 45 13.25 6.11 -0.41
C LYS A 45 13.48 5.22 0.83
N LEU A 46 12.45 4.45 1.19
CA LEU A 46 12.45 3.46 2.30
C LEU A 46 13.58 2.41 2.08
N ALA A 47 13.78 2.06 0.80
CA ALA A 47 14.84 1.12 0.36
C ALA A 47 16.24 1.66 0.70
N LYS A 48 16.41 2.99 0.57
CA LYS A 48 17.67 3.67 0.90
C LYS A 48 17.87 3.77 2.42
N ILE A 49 16.81 4.21 3.13
CA ILE A 49 16.84 4.49 4.59
C ILE A 49 17.15 3.19 5.38
N TYR A 50 16.20 2.24 5.31
CA TYR A 50 16.23 1.00 6.09
C TYR A 50 17.16 -0.05 5.44
N GLN A 51 17.62 0.25 4.20
CA GLN A 51 18.57 -0.58 3.42
C GLN A 51 17.99 -1.99 3.13
N LEU A 52 16.65 -2.05 3.05
CA LEU A 52 15.88 -3.28 2.80
C LEU A 52 15.52 -3.39 1.31
N THR A 53 15.21 -4.61 0.84
CA THR A 53 14.91 -4.87 -0.58
C THR A 53 13.40 -4.72 -0.83
N VAL A 54 13.02 -3.58 -1.43
CA VAL A 54 11.63 -3.29 -1.80
C VAL A 54 11.28 -3.97 -3.13
N HIS A 55 10.29 -4.87 -3.07
CA HIS A 55 9.76 -5.56 -4.23
C HIS A 55 8.26 -5.20 -4.39
N VAL A 56 7.98 -4.26 -5.31
CA VAL A 56 6.61 -3.86 -5.65
C VAL A 56 5.96 -4.95 -6.54
N HIS A 57 4.81 -5.48 -6.11
CA HIS A 57 4.01 -6.40 -6.94
C HIS A 57 2.55 -5.96 -6.91
N GLY A 58 2.25 -4.90 -7.69
CA GLY A 58 0.89 -4.35 -7.74
C GLY A 58 0.51 -3.65 -6.44
N ASP A 59 -0.72 -3.92 -5.96
CA ASP A 59 -1.23 -3.39 -4.68
C ASP A 59 -0.56 -4.05 -3.47
N THR A 60 0.23 -5.11 -3.71
CA THR A 60 1.00 -5.80 -2.65
C THR A 60 2.51 -5.53 -2.82
N ILE A 61 3.00 -4.46 -2.17
CA ILE A 61 4.43 -4.17 -2.08
C ILE A 61 5.01 -4.91 -0.87
N HIS A 62 5.76 -5.99 -1.12
CA HIS A 62 6.46 -6.71 -0.05
C HIS A 62 7.92 -6.22 0.02
N VAL A 63 8.34 -5.78 1.21
CA VAL A 63 9.72 -5.39 1.48
C VAL A 63 10.36 -6.42 2.43
N LYS A 64 11.52 -6.95 2.03
CA LYS A 64 12.32 -7.87 2.83
C LYS A 64 13.81 -7.52 2.58
N MET A 1 -50.32 12.36 22.72
CA MET A 1 -49.84 13.74 22.52
C MET A 1 -48.99 14.19 23.71
N GLY A 2 -47.87 14.87 23.41
CA GLY A 2 -46.97 15.42 24.42
C GLY A 2 -45.90 14.44 24.86
N SER A 3 -46.25 13.55 25.81
CA SER A 3 -45.31 12.59 26.41
C SER A 3 -44.96 11.45 25.43
N SER A 4 -43.74 11.53 24.85
CA SER A 4 -43.18 10.48 24.00
C SER A 4 -42.36 9.48 24.84
N HIS A 5 -41.66 8.55 24.17
CA HIS A 5 -40.74 7.60 24.81
C HIS A 5 -39.48 7.43 23.94
N HIS A 6 -38.31 7.60 24.55
CA HIS A 6 -37.00 7.55 23.88
C HIS A 6 -35.90 7.29 24.92
N HIS A 7 -35.03 6.33 24.62
CA HIS A 7 -33.87 5.97 25.47
C HIS A 7 -32.57 6.54 24.87
N HIS A 8 -31.46 6.30 25.57
CA HIS A 8 -30.11 6.66 25.10
C HIS A 8 -29.28 5.38 24.91
N HIS A 9 -28.61 5.28 23.76
CA HIS A 9 -27.84 4.07 23.37
C HIS A 9 -26.42 4.45 22.94
N HIS A 10 -25.50 3.47 22.97
CA HIS A 10 -24.12 3.64 22.49
C HIS A 10 -24.04 3.50 20.95
N SER A 11 -22.89 3.87 20.38
CA SER A 11 -22.66 3.87 18.93
C SER A 11 -21.26 3.33 18.62
N SER A 12 -21.18 2.43 17.62
CA SER A 12 -19.91 1.78 17.22
C SER A 12 -19.25 2.56 16.05
N GLY A 13 -17.91 2.69 16.10
CA GLY A 13 -17.14 3.41 15.08
C GLY A 13 -16.62 2.49 13.99
N LEU A 14 -17.35 2.41 12.88
CA LEU A 14 -16.96 1.67 11.67
C LEU A 14 -16.22 2.63 10.71
N VAL A 15 -15.00 2.24 10.31
CA VAL A 15 -14.16 3.02 9.36
C VAL A 15 -14.22 2.34 7.96
N PRO A 16 -15.05 2.85 7.01
CA PRO A 16 -15.16 2.28 5.65
C PRO A 16 -13.92 2.64 4.79
N ARG A 17 -13.10 1.62 4.48
CA ARG A 17 -11.92 1.77 3.61
C ARG A 17 -12.21 1.12 2.24
N GLY A 18 -12.14 1.92 1.17
CA GLY A 18 -12.41 1.46 -0.19
C GLY A 18 -11.65 2.25 -1.25
N SER A 19 -10.45 2.72 -0.91
CA SER A 19 -9.55 3.40 -1.85
C SER A 19 -8.43 2.43 -2.31
N HIS A 20 -7.97 2.59 -3.56
CA HIS A 20 -6.83 1.82 -4.07
C HIS A 20 -5.53 2.41 -3.49
N MET A 21 -4.91 1.64 -2.59
CA MET A 21 -3.76 2.07 -1.79
C MET A 21 -2.61 1.06 -1.91
N THR A 22 -1.36 1.57 -1.87
CA THR A 22 -0.16 0.74 -1.89
C THR A 22 0.10 0.15 -0.49
N THR A 23 -0.08 -1.17 -0.36
CA THR A 23 0.17 -1.90 0.89
C THR A 23 1.66 -2.28 0.97
N VAL A 24 2.44 -1.50 1.73
CA VAL A 24 3.88 -1.75 1.89
C VAL A 24 4.11 -2.63 3.12
N LYS A 25 4.38 -3.91 2.87
CA LYS A 25 4.72 -4.87 3.90
C LYS A 25 6.20 -4.74 4.30
N LEU A 26 6.44 -4.09 5.43
CA LEU A 26 7.77 -3.98 6.07
C LEU A 26 7.93 -5.15 7.06
N GLY A 27 9.16 -5.39 7.55
CA GLY A 27 9.41 -6.42 8.56
C GLY A 27 8.51 -6.24 9.79
N ASP A 28 7.43 -7.07 9.87
CA ASP A 28 6.36 -7.07 10.91
C ASP A 28 5.41 -5.85 10.80
N ILE A 29 5.94 -4.66 10.45
CA ILE A 29 5.17 -3.43 10.28
C ILE A 29 4.38 -3.45 8.95
N LYS A 30 3.10 -3.05 8.98
CA LYS A 30 2.26 -2.95 7.79
C LYS A 30 1.95 -1.46 7.51
N VAL A 31 2.63 -0.92 6.50
CA VAL A 31 2.50 0.48 6.07
C VAL A 31 1.47 0.57 4.93
N THR A 32 0.74 1.70 4.85
CA THR A 32 -0.28 1.94 3.82
C THR A 32 -0.21 3.40 3.33
N PHE A 33 -0.29 3.60 2.00
CA PHE A 33 -0.34 4.94 1.38
C PHE A 33 -1.55 4.97 0.44
N ASP A 34 -2.50 5.91 0.66
CA ASP A 34 -3.73 6.04 -0.15
C ASP A 34 -3.41 6.68 -1.52
N ASN A 35 -2.75 5.86 -2.34
CA ASN A 35 -2.19 6.23 -3.64
C ASN A 35 -1.55 4.97 -4.24
N PRO A 36 -2.01 4.47 -5.43
CA PRO A 36 -1.38 3.33 -6.12
C PRO A 36 -0.46 3.78 -7.29
N GLU A 37 -0.03 5.05 -7.28
CA GLU A 37 0.71 5.67 -8.41
C GLU A 37 2.21 5.81 -8.08
N LYS A 38 2.56 6.83 -7.27
CA LYS A 38 3.95 7.19 -6.94
C LYS A 38 4.32 6.75 -5.52
N ALA A 39 3.36 6.08 -4.83
CA ALA A 39 3.59 5.48 -3.51
C ALA A 39 4.51 4.25 -3.63
N LYS A 40 4.50 3.61 -4.83
CA LYS A 40 5.42 2.51 -5.16
C LYS A 40 6.85 3.04 -5.35
N LYS A 41 6.95 4.31 -5.74
CA LYS A 41 8.22 4.97 -6.06
C LYS A 41 8.85 5.47 -4.76
N TYR A 42 7.97 5.95 -3.87
CA TYR A 42 8.34 6.33 -2.51
C TYR A 42 8.63 5.09 -1.64
N ALA A 43 8.03 3.93 -1.99
CA ALA A 43 8.28 2.65 -1.28
C ALA A 43 9.73 2.17 -1.51
N GLN A 44 10.32 2.60 -2.66
CA GLN A 44 11.74 2.39 -2.97
C GLN A 44 12.60 3.18 -1.97
N LYS A 45 12.22 4.46 -1.77
CA LYS A 45 12.88 5.36 -0.82
C LYS A 45 12.70 4.86 0.62
N LEU A 46 11.50 4.32 0.91
CA LEU A 46 11.14 3.82 2.24
C LEU A 46 12.01 2.60 2.62
N ALA A 47 12.26 1.76 1.62
CA ALA A 47 13.17 0.62 1.73
C ALA A 47 14.59 1.09 2.07
N LYS A 48 15.02 2.16 1.39
CA LYS A 48 16.37 2.74 1.55
C LYS A 48 16.52 3.45 2.92
N ILE A 49 15.40 3.95 3.47
CA ILE A 49 15.36 4.56 4.82
C ILE A 49 15.63 3.49 5.89
N TYR A 50 14.99 2.31 5.72
CA TYR A 50 15.21 1.14 6.60
C TYR A 50 16.42 0.29 6.15
N GLN A 51 17.10 0.75 5.08
CA GLN A 51 18.36 0.18 4.54
C GLN A 51 18.15 -1.23 3.91
N LEU A 52 16.87 -1.63 3.78
CA LEU A 52 16.47 -2.90 3.15
C LEU A 52 16.22 -2.67 1.63
N THR A 53 15.70 -3.68 0.91
CA THR A 53 15.45 -3.57 -0.54
C THR A 53 13.94 -3.67 -0.84
N VAL A 54 13.51 -2.92 -1.87
CA VAL A 54 12.09 -2.87 -2.29
C VAL A 54 11.77 -4.06 -3.24
N HIS A 55 10.69 -4.80 -2.93
CA HIS A 55 10.19 -5.91 -3.79
C HIS A 55 8.72 -5.63 -4.17
N VAL A 56 8.52 -4.96 -5.32
CA VAL A 56 7.19 -4.57 -5.83
C VAL A 56 6.56 -5.74 -6.59
N HIS A 57 5.43 -6.24 -6.08
CA HIS A 57 4.63 -7.27 -6.75
C HIS A 57 3.16 -6.83 -6.76
N GLY A 58 2.88 -5.88 -7.67
CA GLY A 58 1.57 -5.26 -7.77
C GLY A 58 1.39 -4.10 -6.78
N ASP A 59 0.19 -3.98 -6.18
CA ASP A 59 -0.10 -2.95 -5.17
C ASP A 59 0.56 -3.29 -3.82
N THR A 60 0.81 -4.60 -3.60
CA THR A 60 1.50 -5.06 -2.39
C THR A 60 3.02 -5.11 -2.64
N ILE A 61 3.75 -4.30 -1.87
CA ILE A 61 5.21 -4.18 -1.94
C ILE A 61 5.82 -4.62 -0.62
N HIS A 62 6.62 -5.69 -0.65
CA HIS A 62 7.32 -6.17 0.53
C HIS A 62 8.77 -5.64 0.55
N VAL A 63 9.07 -4.85 1.57
CA VAL A 63 10.44 -4.40 1.84
C VAL A 63 11.15 -5.50 2.67
N LYS A 64 12.20 -6.09 2.08
CA LYS A 64 12.92 -7.24 2.65
C LYS A 64 14.43 -6.91 2.68
N MET A 1 -49.59 -25.15 5.92
CA MET A 1 -48.80 -24.01 5.42
C MET A 1 -48.14 -23.28 6.62
N GLY A 2 -46.89 -23.64 6.92
CA GLY A 2 -46.17 -23.08 8.06
C GLY A 2 -44.86 -23.79 8.33
N SER A 3 -43.76 -23.23 7.80
CA SER A 3 -42.39 -23.74 8.00
C SER A 3 -41.37 -22.59 7.92
N SER A 4 -40.21 -22.78 8.57
CA SER A 4 -39.06 -21.86 8.46
C SER A 4 -38.33 -22.17 7.13
N HIS A 5 -38.85 -21.55 6.05
CA HIS A 5 -38.35 -21.76 4.68
C HIS A 5 -36.96 -21.10 4.49
N HIS A 6 -36.69 -20.05 5.29
CA HIS A 6 -35.37 -19.41 5.37
C HIS A 6 -35.09 -19.00 6.82
N HIS A 7 -33.82 -19.09 7.22
CA HIS A 7 -33.34 -18.73 8.58
C HIS A 7 -31.80 -18.69 8.56
N HIS A 8 -31.21 -17.57 9.01
CA HIS A 8 -29.73 -17.41 9.10
C HIS A 8 -29.38 -16.34 10.15
N HIS A 9 -28.29 -16.57 10.88
CA HIS A 9 -27.74 -15.59 11.84
C HIS A 9 -26.68 -14.74 11.12
N HIS A 10 -27.07 -13.54 10.70
CA HIS A 10 -26.14 -12.56 10.12
C HIS A 10 -25.24 -12.01 11.25
N SER A 11 -24.00 -12.51 11.31
CA SER A 11 -23.02 -12.14 12.34
C SER A 11 -22.39 -10.76 12.02
N SER A 12 -22.25 -9.93 13.06
CA SER A 12 -21.66 -8.58 12.95
C SER A 12 -20.14 -8.67 12.76
N GLY A 13 -19.56 -7.63 12.18
CA GLY A 13 -18.13 -7.53 11.97
C GLY A 13 -17.75 -6.24 11.28
N LEU A 14 -16.61 -5.65 11.68
CA LEU A 14 -16.10 -4.40 11.08
C LEU A 14 -15.53 -4.69 9.69
N VAL A 15 -16.16 -4.11 8.65
CA VAL A 15 -15.66 -4.22 7.27
C VAL A 15 -14.30 -3.50 7.12
N PRO A 16 -13.21 -4.24 6.69
CA PRO A 16 -11.86 -3.65 6.50
C PRO A 16 -11.83 -2.62 5.36
N ARG A 17 -10.66 -1.97 5.19
CA ARG A 17 -10.43 -1.04 4.08
C ARG A 17 -10.14 -1.85 2.81
N GLY A 18 -11.24 -2.30 2.15
CA GLY A 18 -11.18 -3.03 0.88
C GLY A 18 -11.18 -2.11 -0.32
N SER A 19 -10.97 -0.81 -0.08
CA SER A 19 -10.79 0.20 -1.12
C SER A 19 -9.40 0.05 -1.78
N HIS A 20 -9.29 0.51 -3.04
CA HIS A 20 -8.03 0.44 -3.82
C HIS A 20 -6.98 1.38 -3.20
N MET A 21 -6.09 0.79 -2.39
CA MET A 21 -4.95 1.48 -1.78
C MET A 21 -3.73 0.55 -1.83
N THR A 22 -2.58 1.11 -2.24
CA THR A 22 -1.32 0.37 -2.35
C THR A 22 -0.64 0.32 -0.96
N THR A 23 -0.67 -0.86 -0.35
CA THR A 23 -0.04 -1.12 0.94
C THR A 23 1.40 -1.64 0.74
N VAL A 24 2.37 -0.86 1.23
CA VAL A 24 3.78 -1.25 1.26
C VAL A 24 4.08 -1.96 2.59
N LYS A 25 4.30 -3.27 2.54
CA LYS A 25 4.61 -4.08 3.72
C LYS A 25 6.10 -3.91 4.09
N LEU A 26 6.36 -3.09 5.10
CA LEU A 26 7.69 -2.87 5.70
C LEU A 26 8.00 -4.02 6.71
N GLY A 27 8.93 -3.82 7.67
CA GLY A 27 9.14 -4.76 8.77
C GLY A 27 7.91 -4.85 9.68
N ASP A 28 6.91 -5.67 9.23
CA ASP A 28 5.59 -5.91 9.89
C ASP A 28 4.60 -4.75 9.64
N ILE A 29 5.09 -3.50 9.62
CA ILE A 29 4.28 -2.28 9.45
C ILE A 29 3.62 -2.23 8.05
N LYS A 30 2.32 -1.87 8.02
CA LYS A 30 1.57 -1.68 6.78
C LYS A 30 1.56 -0.18 6.45
N VAL A 31 2.37 0.21 5.46
CA VAL A 31 2.47 1.60 5.00
C VAL A 31 1.46 1.82 3.87
N THR A 32 0.22 2.17 4.27
CA THR A 32 -0.93 2.25 3.35
C THR A 32 -1.05 3.68 2.77
N PHE A 33 -1.13 3.76 1.43
CA PHE A 33 -1.44 5.01 0.70
C PHE A 33 -2.62 4.77 -0.24
N ASP A 34 -3.56 5.72 -0.24
CA ASP A 34 -4.84 5.66 -1.00
C ASP A 34 -4.63 5.50 -2.51
N ASN A 35 -3.48 5.95 -3.01
CA ASN A 35 -3.17 6.00 -4.44
C ASN A 35 -1.71 5.53 -4.65
N PRO A 36 -1.46 4.59 -5.65
CA PRO A 36 -0.10 4.11 -6.03
C PRO A 36 0.97 5.20 -6.21
N GLU A 37 0.51 6.42 -6.59
CA GLU A 37 1.39 7.59 -6.85
C GLU A 37 2.32 7.90 -5.65
N LYS A 38 1.82 7.68 -4.42
CA LYS A 38 2.55 8.00 -3.17
C LYS A 38 3.40 6.80 -2.73
N ALA A 39 2.73 5.63 -2.70
CA ALA A 39 3.30 4.40 -2.15
C ALA A 39 4.52 3.92 -2.93
N LYS A 40 4.41 3.91 -4.25
CA LYS A 40 5.44 3.33 -5.15
C LYS A 40 6.67 4.28 -5.31
N LYS A 41 6.64 5.45 -4.63
CA LYS A 41 7.80 6.38 -4.58
C LYS A 41 8.46 6.27 -3.21
N TYR A 42 7.64 6.48 -2.19
CA TYR A 42 8.07 6.54 -0.78
C TYR A 42 8.56 5.15 -0.27
N ALA A 43 8.09 4.07 -0.92
CA ALA A 43 8.56 2.70 -0.64
C ALA A 43 10.06 2.58 -0.88
N GLN A 44 10.53 3.24 -1.97
CA GLN A 44 11.94 3.24 -2.38
C GLN A 44 12.82 3.91 -1.31
N LYS A 45 12.26 4.97 -0.67
CA LYS A 45 12.92 5.65 0.45
C LYS A 45 13.05 4.69 1.65
N LEU A 46 11.93 4.02 2.00
CA LEU A 46 11.87 3.02 3.10
C LEU A 46 12.93 1.92 2.93
N ALA A 47 13.11 1.50 1.66
CA ALA A 47 14.08 0.48 1.27
C ALA A 47 15.50 0.95 1.63
N LYS A 48 15.84 2.18 1.22
CA LYS A 48 17.19 2.73 1.41
C LYS A 48 17.48 3.09 2.87
N ILE A 49 16.43 3.34 3.67
CA ILE A 49 16.56 3.60 5.13
C ILE A 49 17.05 2.34 5.86
N TYR A 50 16.47 1.19 5.49
CA TYR A 50 16.84 -0.14 6.04
C TYR A 50 17.95 -0.82 5.20
N GLN A 51 18.35 -0.16 4.10
CA GLN A 51 19.32 -0.67 3.10
C GLN A 51 18.83 -1.96 2.42
N LEU A 52 17.50 -2.17 2.47
CA LEU A 52 16.81 -3.31 1.83
C LEU A 52 16.35 -2.92 0.41
N THR A 53 15.51 -3.76 -0.21
CA THR A 53 15.00 -3.56 -1.58
C THR A 53 13.47 -3.69 -1.60
N VAL A 54 12.77 -2.87 -2.41
CA VAL A 54 11.32 -3.01 -2.60
C VAL A 54 11.01 -4.16 -3.56
N HIS A 55 10.77 -5.35 -2.99
CA HIS A 55 10.42 -6.53 -3.76
C HIS A 55 8.92 -6.45 -4.10
N VAL A 56 8.64 -5.91 -5.29
CA VAL A 56 7.27 -5.80 -5.81
C VAL A 56 6.84 -7.18 -6.40
N HIS A 57 5.90 -7.83 -5.72
CA HIS A 57 5.33 -9.11 -6.13
C HIS A 57 3.81 -8.95 -6.25
N GLY A 58 3.35 -8.59 -7.46
CA GLY A 58 1.95 -8.27 -7.68
C GLY A 58 1.59 -6.92 -7.06
N ASP A 59 0.43 -6.87 -6.37
CA ASP A 59 -0.04 -5.68 -5.64
C ASP A 59 0.65 -5.54 -4.26
N THR A 60 1.49 -6.53 -3.89
CA THR A 60 2.23 -6.54 -2.61
C THR A 60 3.65 -5.99 -2.82
N ILE A 61 3.86 -4.73 -2.41
CA ILE A 61 5.22 -4.14 -2.34
C ILE A 61 5.79 -4.44 -0.95
N HIS A 62 6.65 -5.46 -0.84
CA HIS A 62 7.29 -5.81 0.45
C HIS A 62 8.78 -5.43 0.43
N VAL A 63 9.21 -4.66 1.44
CA VAL A 63 10.60 -4.21 1.59
C VAL A 63 11.46 -5.31 2.25
N LYS A 64 12.31 -5.97 1.45
CA LYS A 64 13.34 -6.92 1.91
C LYS A 64 14.52 -6.93 0.89
N MET A 1 -39.75 4.30 47.83
CA MET A 1 -38.62 3.48 47.35
C MET A 1 -38.56 3.53 45.81
N GLY A 2 -37.80 4.52 45.29
CA GLY A 2 -37.61 4.70 43.86
C GLY A 2 -36.64 3.67 43.28
N SER A 3 -37.18 2.69 42.53
CA SER A 3 -36.40 1.63 41.87
C SER A 3 -35.65 2.22 40.66
N SER A 4 -34.44 2.73 40.92
CA SER A 4 -33.59 3.39 39.92
C SER A 4 -33.11 2.37 38.88
N HIS A 5 -33.67 2.43 37.66
CA HIS A 5 -33.26 1.58 36.53
C HIS A 5 -31.94 2.12 35.93
N HIS A 6 -31.15 1.22 35.33
CA HIS A 6 -29.84 1.58 34.76
C HIS A 6 -30.02 2.27 33.39
N HIS A 7 -29.05 3.13 33.03
CA HIS A 7 -29.12 3.92 31.78
C HIS A 7 -28.81 3.05 30.54
N HIS A 8 -29.71 3.14 29.54
CA HIS A 8 -29.63 2.33 28.30
C HIS A 8 -28.63 2.96 27.30
N HIS A 9 -27.68 2.15 26.82
CA HIS A 9 -26.65 2.61 25.87
C HIS A 9 -26.56 1.64 24.67
N HIS A 10 -26.51 2.22 23.46
CA HIS A 10 -26.39 1.50 22.18
C HIS A 10 -26.00 2.50 21.07
N SER A 11 -24.98 3.34 21.37
CA SER A 11 -24.55 4.45 20.50
C SER A 11 -23.26 4.09 19.72
N SER A 12 -23.02 2.79 19.48
CA SER A 12 -21.81 2.32 18.79
C SER A 12 -21.90 2.61 17.27
N GLY A 13 -21.36 3.78 16.85
CA GLY A 13 -21.32 4.19 15.44
C GLY A 13 -20.08 3.66 14.74
N LEU A 14 -20.24 2.56 13.99
CA LEU A 14 -19.13 1.89 13.27
C LEU A 14 -18.81 2.61 11.96
N VAL A 15 -17.53 2.54 11.55
CA VAL A 15 -17.06 3.04 10.25
C VAL A 15 -16.01 2.06 9.67
N PRO A 16 -16.47 0.95 8.99
CA PRO A 16 -15.58 -0.03 8.35
C PRO A 16 -15.03 0.51 7.01
N ARG A 17 -13.79 1.06 7.05
CA ARG A 17 -13.09 1.56 5.85
C ARG A 17 -12.80 0.42 4.86
N GLY A 18 -13.32 0.57 3.62
CA GLY A 18 -13.14 -0.44 2.56
C GLY A 18 -12.71 0.21 1.26
N SER A 19 -11.42 0.54 1.18
CA SER A 19 -10.81 1.22 0.00
C SER A 19 -9.48 0.54 -0.36
N HIS A 20 -9.06 0.69 -1.63
CA HIS A 20 -7.77 0.18 -2.13
C HIS A 20 -6.63 1.11 -1.66
N MET A 21 -6.08 0.80 -0.48
CA MET A 21 -4.88 1.46 0.05
C MET A 21 -3.69 0.52 -0.15
N THR A 22 -2.62 1.07 -0.75
CA THR A 22 -1.40 0.32 -1.04
C THR A 22 -0.63 0.04 0.26
N THR A 23 -0.83 -1.17 0.81
CA THR A 23 -0.19 -1.59 2.05
C THR A 23 1.21 -2.14 1.75
N VAL A 24 2.22 -1.32 2.02
CA VAL A 24 3.62 -1.70 1.92
C VAL A 24 3.99 -2.56 3.15
N LYS A 25 4.14 -3.86 2.91
CA LYS A 25 4.40 -4.87 3.96
C LYS A 25 5.93 -5.12 4.07
N LEU A 26 6.55 -4.55 5.11
CA LEU A 26 8.00 -4.72 5.39
C LEU A 26 8.23 -5.44 6.72
N GLY A 27 9.52 -5.59 7.13
CA GLY A 27 9.92 -6.35 8.31
C GLY A 27 9.23 -5.93 9.61
N ASP A 28 8.09 -6.61 9.92
CA ASP A 28 7.29 -6.44 11.17
C ASP A 28 6.57 -5.07 11.23
N ILE A 29 6.63 -4.30 10.13
CA ILE A 29 6.08 -2.93 10.05
C ILE A 29 5.11 -2.84 8.85
N LYS A 30 4.02 -2.09 9.05
CA LYS A 30 3.04 -1.79 7.98
C LYS A 30 3.11 -0.29 7.64
N VAL A 31 3.17 0.01 6.33
CA VAL A 31 3.03 1.38 5.78
C VAL A 31 1.88 1.36 4.76
N THR A 32 1.17 2.49 4.58
CA THR A 32 0.02 2.57 3.68
C THR A 32 0.07 3.86 2.85
N PHE A 33 -0.43 3.76 1.60
CA PHE A 33 -0.56 4.90 0.65
C PHE A 33 -1.95 4.84 -0.03
N ASP A 34 -2.36 5.95 -0.67
CA ASP A 34 -3.72 6.08 -1.25
C ASP A 34 -3.83 5.38 -2.61
N ASN A 35 -2.80 5.51 -3.46
CA ASN A 35 -2.76 4.87 -4.79
C ASN A 35 -1.47 4.04 -4.93
N PRO A 36 -1.49 2.90 -5.70
CA PRO A 36 -0.29 2.06 -6.01
C PRO A 36 0.85 2.87 -6.67
N GLU A 37 0.45 3.83 -7.52
CA GLU A 37 1.37 4.69 -8.28
C GLU A 37 2.19 5.60 -7.35
N LYS A 38 1.56 6.00 -6.22
CA LYS A 38 2.22 6.83 -5.19
C LYS A 38 3.30 5.99 -4.50
N ALA A 39 2.85 4.88 -3.88
CA ALA A 39 3.71 3.99 -3.09
C ALA A 39 4.88 3.43 -3.90
N LYS A 40 4.66 3.20 -5.20
CA LYS A 40 5.66 2.65 -6.12
C LYS A 40 6.94 3.53 -6.14
N LYS A 41 6.73 4.85 -6.14
CA LYS A 41 7.81 5.84 -6.32
C LYS A 41 8.31 6.41 -4.98
N TYR A 42 7.69 6.00 -3.85
CA TYR A 42 8.07 6.49 -2.49
C TYR A 42 8.39 5.33 -1.54
N ALA A 43 8.18 4.08 -1.99
CA ALA A 43 8.58 2.86 -1.24
C ALA A 43 10.11 2.74 -1.20
N GLN A 44 10.75 3.24 -2.28
CA GLN A 44 12.22 3.37 -2.40
C GLN A 44 12.84 4.04 -1.16
N LYS A 45 12.09 5.01 -0.56
CA LYS A 45 12.49 5.73 0.66
C LYS A 45 12.66 4.73 1.82
N LEU A 46 11.70 3.82 1.95
CA LEU A 46 11.67 2.80 3.02
C LEU A 46 12.86 1.81 2.87
N ALA A 47 13.29 1.58 1.61
CA ALA A 47 14.48 0.76 1.32
C ALA A 47 15.77 1.45 1.80
N LYS A 48 15.80 2.78 1.67
CA LYS A 48 16.98 3.60 1.99
C LYS A 48 17.08 3.88 3.51
N ILE A 49 15.93 4.05 4.17
CA ILE A 49 15.86 4.42 5.59
C ILE A 49 16.05 3.18 6.48
N TYR A 50 15.30 2.11 6.18
CA TYR A 50 15.34 0.85 6.97
C TYR A 50 16.45 -0.12 6.47
N GLN A 51 17.16 0.29 5.39
CA GLN A 51 18.25 -0.49 4.75
C GLN A 51 17.70 -1.80 4.10
N LEU A 52 16.37 -1.82 3.89
CA LEU A 52 15.66 -2.99 3.33
C LEU A 52 15.64 -2.93 1.77
N THR A 53 14.97 -3.90 1.11
CA THR A 53 14.92 -4.00 -0.36
C THR A 53 13.47 -4.17 -0.84
N VAL A 54 12.93 -3.13 -1.50
CA VAL A 54 11.53 -3.10 -1.99
C VAL A 54 11.36 -3.99 -3.22
N HIS A 55 10.26 -4.76 -3.25
CA HIS A 55 9.83 -5.56 -4.42
C HIS A 55 8.34 -5.29 -4.68
N VAL A 56 8.05 -4.47 -5.72
CA VAL A 56 6.67 -4.14 -6.12
C VAL A 56 6.07 -5.32 -6.91
N HIS A 57 4.87 -5.78 -6.51
CA HIS A 57 4.14 -6.85 -7.21
C HIS A 57 2.73 -6.35 -7.46
N GLY A 58 2.59 -5.50 -8.49
CA GLY A 58 1.34 -4.78 -8.72
C GLY A 58 1.05 -3.80 -7.60
N ASP A 59 -0.21 -3.75 -7.15
CA ASP A 59 -0.64 -2.92 -6.01
C ASP A 59 -0.06 -3.42 -4.68
N THR A 60 0.21 -4.75 -4.58
CA THR A 60 0.80 -5.34 -3.37
C THR A 60 2.34 -5.17 -3.39
N ILE A 61 2.82 -4.17 -2.65
CA ILE A 61 4.26 -3.91 -2.49
C ILE A 61 4.76 -4.56 -1.18
N HIS A 62 5.75 -5.46 -1.29
CA HIS A 62 6.36 -6.14 -0.14
C HIS A 62 7.87 -5.87 -0.14
N VAL A 63 8.38 -5.44 1.02
CA VAL A 63 9.79 -5.10 1.21
C VAL A 63 10.46 -6.21 2.07
N LYS A 64 11.72 -6.52 1.75
CA LYS A 64 12.49 -7.57 2.41
C LYS A 64 13.54 -6.94 3.34
N MET A 1 -6.75 -29.52 -50.23
CA MET A 1 -7.59 -30.57 -49.59
C MET A 1 -7.22 -30.69 -48.11
N GLY A 2 -8.03 -30.05 -47.24
CA GLY A 2 -7.82 -30.10 -45.78
C GLY A 2 -8.53 -28.95 -45.08
N SER A 3 -9.85 -29.11 -44.85
CA SER A 3 -10.70 -28.10 -44.18
C SER A 3 -11.26 -28.65 -42.86
N SER A 4 -10.40 -29.38 -42.10
CA SER A 4 -10.80 -29.96 -40.81
C SER A 4 -10.98 -28.84 -39.76
N HIS A 5 -12.19 -28.77 -39.17
CA HIS A 5 -12.58 -27.76 -38.17
C HIS A 5 -13.39 -28.41 -37.05
N HIS A 6 -12.96 -28.20 -35.79
CA HIS A 6 -13.64 -28.73 -34.59
C HIS A 6 -13.69 -27.61 -33.53
N HIS A 7 -14.80 -26.84 -33.54
CA HIS A 7 -15.01 -25.70 -32.62
C HIS A 7 -15.62 -26.21 -31.30
N HIS A 8 -14.74 -26.56 -30.35
CA HIS A 8 -15.15 -27.02 -29.01
C HIS A 8 -15.58 -25.82 -28.16
N HIS A 9 -16.64 -26.02 -27.35
CA HIS A 9 -17.28 -24.96 -26.55
C HIS A 9 -16.65 -24.84 -25.14
N HIS A 10 -15.31 -25.01 -25.07
CA HIS A 10 -14.56 -24.94 -23.80
C HIS A 10 -14.46 -23.47 -23.32
N SER A 11 -15.51 -23.01 -22.63
CA SER A 11 -15.62 -21.63 -22.13
C SER A 11 -14.85 -21.49 -20.80
N SER A 12 -13.60 -20.99 -20.87
CA SER A 12 -12.78 -20.73 -19.68
C SER A 12 -13.17 -19.38 -19.05
N GLY A 13 -14.19 -19.41 -18.19
CA GLY A 13 -14.70 -18.21 -17.53
C GLY A 13 -13.90 -17.84 -16.28
N LEU A 14 -12.70 -17.29 -16.50
CA LEU A 14 -11.84 -16.79 -15.41
C LEU A 14 -11.30 -15.39 -15.79
N VAL A 15 -11.23 -14.49 -14.81
CA VAL A 15 -10.68 -13.13 -14.98
C VAL A 15 -9.69 -12.83 -13.83
N PRO A 16 -8.34 -12.84 -14.11
CA PRO A 16 -7.31 -12.45 -13.12
C PRO A 16 -7.43 -10.95 -12.74
N ARG A 17 -8.18 -10.66 -11.66
CA ARG A 17 -8.40 -9.30 -11.15
C ARG A 17 -7.64 -9.12 -9.81
N GLY A 18 -6.46 -8.48 -9.89
CA GLY A 18 -5.64 -8.19 -8.70
C GLY A 18 -5.83 -6.75 -8.22
N SER A 19 -7.06 -6.23 -8.37
CA SER A 19 -7.40 -4.84 -8.05
C SER A 19 -7.45 -4.61 -6.51
N HIS A 20 -6.36 -4.03 -5.98
CA HIS A 20 -6.18 -3.81 -4.53
C HIS A 20 -5.65 -2.38 -4.26
N MET A 21 -5.31 -2.11 -2.98
CA MET A 21 -4.61 -0.89 -2.56
C MET A 21 -3.12 -1.22 -2.39
N THR A 22 -2.24 -0.29 -2.81
CA THR A 22 -0.79 -0.50 -2.74
C THR A 22 -0.30 -0.56 -1.28
N THR A 23 -0.14 -1.79 -0.80
CA THR A 23 0.24 -2.11 0.58
C THR A 23 1.72 -2.48 0.66
N VAL A 24 2.53 -1.52 1.11
CA VAL A 24 3.96 -1.69 1.40
C VAL A 24 4.12 -2.44 2.74
N LYS A 25 4.91 -3.53 2.75
CA LYS A 25 5.13 -4.36 3.93
C LYS A 25 6.52 -4.04 4.51
N LEU A 26 6.54 -3.20 5.53
CA LEU A 26 7.76 -2.83 6.25
C LEU A 26 8.02 -3.85 7.38
N GLY A 27 9.23 -3.85 7.95
CA GLY A 27 9.61 -4.77 9.03
C GLY A 27 8.61 -4.78 10.20
N ASP A 28 7.65 -5.72 10.12
CA ASP A 28 6.54 -5.93 11.11
C ASP A 28 5.51 -4.78 11.10
N ILE A 29 5.70 -3.80 10.21
CA ILE A 29 4.86 -2.60 10.09
C ILE A 29 4.01 -2.66 8.80
N LYS A 30 2.69 -2.46 8.94
CA LYS A 30 1.72 -2.58 7.84
C LYS A 30 1.44 -1.17 7.28
N VAL A 31 1.89 -0.90 6.05
CA VAL A 31 1.84 0.45 5.43
C VAL A 31 0.95 0.40 4.17
N THR A 32 -0.22 1.08 4.20
CA THR A 32 -1.14 1.12 3.05
C THR A 32 -1.25 2.55 2.52
N PHE A 33 -1.57 2.68 1.22
CA PHE A 33 -1.71 3.99 0.54
C PHE A 33 -2.93 4.02 -0.37
N ASP A 34 -3.57 5.21 -0.44
CA ASP A 34 -4.65 5.53 -1.38
C ASP A 34 -4.08 5.95 -2.75
N ASN A 35 -2.80 6.38 -2.74
CA ASN A 35 -2.09 6.88 -3.94
C ASN A 35 -1.00 5.87 -4.37
N PRO A 36 -1.32 4.90 -5.30
CA PRO A 36 -0.37 3.83 -5.75
C PRO A 36 0.97 4.35 -6.32
N GLU A 37 0.89 5.41 -7.14
CA GLU A 37 2.05 6.01 -7.82
C GLU A 37 3.02 6.66 -6.82
N LYS A 38 2.45 7.40 -5.86
CA LYS A 38 3.23 8.09 -4.82
C LYS A 38 3.75 7.08 -3.78
N ALA A 39 3.01 5.96 -3.64
CA ALA A 39 3.31 4.87 -2.70
C ALA A 39 4.65 4.21 -3.01
N LYS A 40 4.79 3.73 -4.26
CA LYS A 40 6.01 3.03 -4.73
C LYS A 40 7.23 3.98 -4.79
N LYS A 41 6.96 5.29 -4.84
CA LYS A 41 8.00 6.33 -4.92
C LYS A 41 8.57 6.60 -3.52
N TYR A 42 7.66 6.65 -2.54
CA TYR A 42 8.01 6.74 -1.11
C TYR A 42 8.63 5.42 -0.62
N ALA A 43 8.17 4.31 -1.21
CA ALA A 43 8.54 2.95 -0.79
C ALA A 43 10.01 2.64 -1.10
N GLN A 44 10.46 3.01 -2.32
CA GLN A 44 11.87 2.79 -2.75
C GLN A 44 12.85 3.62 -1.89
N LYS A 45 12.37 4.81 -1.48
CA LYS A 45 13.07 5.68 -0.53
C LYS A 45 13.17 5.00 0.85
N LEU A 46 12.00 4.51 1.33
CA LEU A 46 11.83 3.88 2.65
C LEU A 46 12.68 2.59 2.79
N ALA A 47 12.86 1.90 1.66
CA ALA A 47 13.62 0.64 1.59
C ALA A 47 15.12 0.88 1.78
N LYS A 48 15.64 1.90 1.06
CA LYS A 48 17.05 2.29 1.12
C LYS A 48 17.41 2.84 2.52
N ILE A 49 16.42 3.48 3.17
CA ILE A 49 16.52 3.95 4.58
C ILE A 49 16.79 2.75 5.51
N TYR A 50 15.96 1.69 5.39
CA TYR A 50 16.09 0.47 6.21
C TYR A 50 17.21 -0.48 5.70
N GLN A 51 17.81 -0.14 4.54
CA GLN A 51 18.90 -0.92 3.90
C GLN A 51 18.40 -2.28 3.32
N LEU A 52 17.06 -2.37 3.10
CA LEU A 52 16.40 -3.47 2.36
C LEU A 52 16.07 -2.98 0.92
N THR A 53 15.19 -3.70 0.21
CA THR A 53 14.74 -3.32 -1.15
C THR A 53 13.24 -3.65 -1.32
N VAL A 54 12.47 -2.70 -1.88
CA VAL A 54 11.05 -2.92 -2.21
C VAL A 54 10.91 -3.85 -3.41
N HIS A 55 10.59 -5.13 -3.12
CA HIS A 55 10.25 -6.10 -4.15
C HIS A 55 8.72 -6.06 -4.35
N VAL A 56 8.31 -5.42 -5.45
CA VAL A 56 6.91 -5.21 -5.81
C VAL A 56 6.33 -6.46 -6.53
N HIS A 57 5.18 -6.93 -6.05
CA HIS A 57 4.36 -7.96 -6.71
C HIS A 57 2.91 -7.46 -6.75
N GLY A 58 2.62 -6.61 -7.74
CA GLY A 58 1.32 -5.94 -7.82
C GLY A 58 1.20 -4.82 -6.79
N ASP A 59 0.06 -4.76 -6.09
CA ASP A 59 -0.17 -3.79 -5.01
C ASP A 59 0.62 -4.17 -3.74
N THR A 60 0.82 -5.48 -3.54
CA THR A 60 1.63 -5.99 -2.42
C THR A 60 3.11 -5.74 -2.70
N ILE A 61 3.64 -4.68 -2.08
CA ILE A 61 5.07 -4.34 -2.06
C ILE A 61 5.64 -4.77 -0.70
N HIS A 62 6.87 -5.30 -0.63
CA HIS A 62 7.55 -5.53 0.67
C HIS A 62 8.94 -4.88 0.70
N VAL A 63 9.23 -4.12 1.77
CA VAL A 63 10.58 -3.62 2.10
C VAL A 63 11.39 -4.79 2.69
N LYS A 64 12.00 -5.57 1.80
CA LYS A 64 12.87 -6.71 2.15
C LYS A 64 13.63 -7.14 0.88
N MET A 1 24.60 -0.27 -9.78
CA MET A 1 24.12 1.12 -9.95
C MET A 1 23.77 1.40 -11.41
N GLY A 2 22.99 2.48 -11.65
CA GLY A 2 22.66 2.92 -13.02
C GLY A 2 21.61 2.06 -13.72
N SER A 3 21.07 1.04 -13.02
CA SER A 3 20.03 0.15 -13.55
C SER A 3 18.64 0.79 -13.33
N SER A 4 18.38 1.82 -14.13
CA SER A 4 17.10 2.54 -14.13
C SER A 4 16.08 1.77 -14.98
N HIS A 5 15.32 0.85 -14.31
CA HIS A 5 14.25 0.10 -14.96
C HIS A 5 13.14 1.06 -15.40
N HIS A 6 13.06 1.31 -16.70
CA HIS A 6 12.03 2.17 -17.30
C HIS A 6 10.81 1.34 -17.71
N HIS A 7 9.70 2.05 -17.99
CA HIS A 7 8.44 1.43 -18.45
C HIS A 7 7.55 2.52 -19.05
N HIS A 8 6.71 2.16 -20.04
CA HIS A 8 5.67 3.06 -20.58
C HIS A 8 4.60 3.31 -19.49
N HIS A 9 4.81 4.39 -18.72
CA HIS A 9 3.91 4.80 -17.66
C HIS A 9 2.66 5.45 -18.26
N HIS A 10 1.54 4.74 -18.17
CA HIS A 10 0.22 5.22 -18.55
C HIS A 10 -0.84 4.49 -17.72
N SER A 11 -1.92 5.21 -17.37
CA SER A 11 -3.06 4.64 -16.64
C SER A 11 -3.88 3.68 -17.53
N SER A 12 -4.79 2.93 -16.90
CA SER A 12 -5.74 2.04 -17.61
C SER A 12 -6.73 2.87 -18.46
N GLY A 13 -6.97 4.12 -18.01
CA GLY A 13 -8.04 4.96 -18.56
C GLY A 13 -9.28 4.87 -17.69
N LEU A 14 -9.58 3.64 -17.26
CA LEU A 14 -10.67 3.32 -16.33
C LEU A 14 -10.23 3.65 -14.88
N VAL A 15 -11.23 3.85 -14.01
CA VAL A 15 -11.04 4.17 -12.58
C VAL A 15 -10.56 2.93 -11.78
N PRO A 16 -9.95 3.12 -10.55
CA PRO A 16 -9.72 2.01 -9.60
C PRO A 16 -11.06 1.44 -9.06
N ARG A 17 -11.64 0.50 -9.83
CA ARG A 17 -12.93 -0.16 -9.51
C ARG A 17 -12.67 -1.42 -8.66
N GLY A 18 -12.06 -1.21 -7.48
CA GLY A 18 -11.69 -2.29 -6.57
C GLY A 18 -10.62 -1.85 -5.57
N SER A 19 -10.61 -2.49 -4.37
CA SER A 19 -9.65 -2.16 -3.31
C SER A 19 -8.32 -2.90 -3.54
N HIS A 20 -7.33 -2.18 -4.12
CA HIS A 20 -5.94 -2.66 -4.29
C HIS A 20 -5.04 -1.43 -4.53
N MET A 21 -4.46 -0.93 -3.43
CA MET A 21 -3.57 0.25 -3.41
C MET A 21 -2.22 -0.16 -2.80
N THR A 22 -1.17 0.66 -3.03
CA THR A 22 0.21 0.35 -2.59
C THR A 22 0.27 0.06 -1.08
N THR A 23 0.28 -1.25 -0.76
CA THR A 23 0.33 -1.77 0.60
C THR A 23 1.76 -2.26 0.89
N VAL A 24 2.50 -1.44 1.65
CA VAL A 24 3.92 -1.66 1.94
C VAL A 24 4.08 -2.42 3.27
N LYS A 25 4.48 -3.69 3.17
CA LYS A 25 4.62 -4.59 4.32
C LYS A 25 6.11 -4.74 4.73
N LEU A 26 6.49 -4.04 5.81
CA LEU A 26 7.84 -4.14 6.41
C LEU A 26 7.87 -5.28 7.46
N GLY A 27 8.97 -5.36 8.23
CA GLY A 27 9.09 -6.34 9.33
C GLY A 27 8.10 -6.04 10.46
N ASP A 28 6.92 -6.71 10.40
CA ASP A 28 5.81 -6.59 11.39
C ASP A 28 5.10 -5.22 11.35
N ILE A 29 5.42 -4.41 10.33
CA ILE A 29 4.86 -3.06 10.16
C ILE A 29 3.94 -3.05 8.92
N LYS A 30 2.62 -2.91 9.15
CA LYS A 30 1.61 -2.90 8.08
C LYS A 30 1.28 -1.44 7.68
N VAL A 31 1.77 -1.02 6.51
CA VAL A 31 1.51 0.32 5.94
C VAL A 31 0.73 0.16 4.62
N THR A 32 -0.16 1.11 4.33
CA THR A 32 -0.89 1.19 3.05
C THR A 32 -1.22 2.66 2.73
N PHE A 33 -1.23 3.00 1.43
CA PHE A 33 -1.38 4.39 0.95
C PHE A 33 -2.57 4.49 -0.01
N ASP A 34 -3.44 5.49 0.23
CA ASP A 34 -4.68 5.71 -0.57
C ASP A 34 -4.36 6.11 -2.03
N ASN A 35 -3.18 6.73 -2.25
CA ASN A 35 -2.65 7.06 -3.59
C ASN A 35 -1.50 6.07 -3.95
N PRO A 36 -1.78 4.93 -4.65
CA PRO A 36 -0.73 3.96 -5.05
C PRO A 36 0.35 4.54 -6.01
N GLU A 37 -0.04 5.53 -6.84
CA GLU A 37 0.75 5.97 -8.01
C GLU A 37 2.14 6.54 -7.61
N LYS A 38 2.16 7.49 -6.66
CA LYS A 38 3.41 8.14 -6.21
C LYS A 38 4.01 7.42 -4.98
N ALA A 39 3.15 6.66 -4.28
CA ALA A 39 3.53 5.99 -3.02
C ALA A 39 4.41 4.76 -3.24
N LYS A 40 4.25 4.11 -4.41
CA LYS A 40 5.10 2.96 -4.82
C LYS A 40 6.54 3.44 -5.10
N LYS A 41 6.64 4.69 -5.53
CA LYS A 41 7.92 5.35 -5.89
C LYS A 41 8.55 5.97 -4.62
N TYR A 42 7.71 6.21 -3.61
CA TYR A 42 8.13 6.62 -2.27
C TYR A 42 8.62 5.38 -1.47
N ALA A 43 7.96 4.23 -1.71
CA ALA A 43 8.21 2.97 -0.98
C ALA A 43 9.62 2.42 -1.25
N GLN A 44 10.09 2.61 -2.51
CA GLN A 44 11.43 2.14 -2.91
C GLN A 44 12.54 2.97 -2.25
N LYS A 45 12.21 4.22 -1.86
CA LYS A 45 13.14 5.10 -1.14
C LYS A 45 13.07 4.82 0.38
N LEU A 46 11.85 4.51 0.88
CA LEU A 46 11.60 4.24 2.30
C LEU A 46 12.40 3.00 2.77
N ALA A 47 12.41 1.96 1.91
CA ALA A 47 13.23 0.75 2.10
C ALA A 47 14.72 1.09 2.02
N LYS A 48 15.07 1.96 1.06
CA LYS A 48 16.47 2.34 0.79
C LYS A 48 17.09 3.10 1.99
N ILE A 49 16.24 3.83 2.75
CA ILE A 49 16.64 4.51 4.01
C ILE A 49 17.12 3.48 5.05
N TYR A 50 16.31 2.42 5.22
CA TYR A 50 16.60 1.31 6.15
C TYR A 50 17.57 0.27 5.54
N GLN A 51 18.05 0.56 4.31
CA GLN A 51 19.00 -0.28 3.53
C GLN A 51 18.37 -1.61 3.06
N LEU A 52 17.04 -1.74 3.23
CA LEU A 52 16.29 -2.98 2.97
C LEU A 52 15.88 -3.11 1.50
N THR A 53 15.35 -4.29 1.14
CA THR A 53 15.11 -4.68 -0.25
C THR A 53 13.67 -4.36 -0.66
N VAL A 54 13.52 -3.76 -1.84
CA VAL A 54 12.22 -3.39 -2.39
C VAL A 54 11.67 -4.55 -3.24
N HIS A 55 10.86 -5.42 -2.64
CA HIS A 55 10.21 -6.53 -3.35
C HIS A 55 8.84 -6.05 -3.87
N VAL A 56 8.85 -5.55 -5.11
CA VAL A 56 7.64 -5.04 -5.78
C VAL A 56 6.92 -6.19 -6.53
N HIS A 57 5.76 -6.61 -6.02
CA HIS A 57 4.90 -7.62 -6.64
C HIS A 57 3.48 -7.04 -6.72
N GLY A 58 3.22 -6.32 -7.83
CA GLY A 58 2.00 -5.53 -7.97
C GLY A 58 2.05 -4.28 -7.10
N ASP A 59 0.93 -3.92 -6.47
CA ASP A 59 0.84 -2.79 -5.50
C ASP A 59 1.43 -3.20 -4.14
N THR A 60 1.39 -4.51 -3.84
CA THR A 60 1.95 -5.09 -2.62
C THR A 60 3.49 -5.05 -2.68
N ILE A 61 4.10 -4.16 -1.88
CA ILE A 61 5.56 -3.98 -1.82
C ILE A 61 6.09 -4.46 -0.46
N HIS A 62 6.72 -5.66 -0.45
CA HIS A 62 7.36 -6.19 0.76
C HIS A 62 8.77 -5.60 0.92
N VAL A 63 9.02 -4.97 2.06
CA VAL A 63 10.34 -4.44 2.45
C VAL A 63 11.03 -5.46 3.37
N LYS A 64 12.09 -6.11 2.87
CA LYS A 64 12.81 -7.17 3.60
C LYS A 64 14.29 -6.78 3.83
N MET A 1 33.07 12.83 -2.36
CA MET A 1 31.97 11.99 -1.79
C MET A 1 30.60 12.66 -1.99
N GLY A 2 29.53 11.93 -1.62
CA GLY A 2 28.16 12.40 -1.82
C GLY A 2 27.65 12.10 -3.22
N SER A 3 27.71 10.82 -3.60
CA SER A 3 27.29 10.32 -4.92
C SER A 3 25.76 10.49 -5.12
N SER A 4 25.39 11.43 -6.00
CA SER A 4 24.00 11.73 -6.33
C SER A 4 23.42 10.63 -7.25
N HIS A 5 22.83 9.60 -6.62
CA HIS A 5 22.19 8.48 -7.34
C HIS A 5 20.79 8.91 -7.83
N HIS A 6 20.44 8.48 -9.05
CA HIS A 6 19.19 8.87 -9.71
C HIS A 6 18.00 8.01 -9.20
N HIS A 7 16.81 8.62 -9.14
CA HIS A 7 15.57 7.97 -8.67
C HIS A 7 14.42 8.26 -9.65
N HIS A 8 13.28 7.57 -9.44
CA HIS A 8 12.07 7.74 -10.25
C HIS A 8 11.23 8.92 -9.72
N HIS A 9 10.64 9.70 -10.64
CA HIS A 9 9.74 10.82 -10.31
C HIS A 9 8.27 10.36 -10.34
N HIS A 10 7.90 9.63 -11.41
CA HIS A 10 6.53 9.11 -11.60
C HIS A 10 6.55 7.70 -12.22
N SER A 11 5.34 7.16 -12.43
CA SER A 11 5.10 5.91 -13.14
C SER A 11 3.90 6.14 -14.09
N SER A 12 3.10 5.10 -14.36
CA SER A 12 1.80 5.25 -15.02
C SER A 12 0.82 5.99 -14.09
N GLY A 13 0.73 5.48 -12.83
CA GLY A 13 -0.26 5.96 -11.85
C GLY A 13 -1.70 5.67 -12.28
N LEU A 14 -1.87 4.68 -13.19
CA LEU A 14 -3.16 4.35 -13.80
C LEU A 14 -3.62 2.98 -13.27
N VAL A 15 -4.63 3.00 -12.40
CA VAL A 15 -5.37 1.80 -11.94
C VAL A 15 -6.87 1.98 -12.25
N PRO A 16 -7.71 0.88 -12.24
CA PRO A 16 -9.19 1.01 -12.24
C PRO A 16 -9.69 2.01 -11.17
N ARG A 17 -10.68 2.84 -11.53
CA ARG A 17 -11.18 3.92 -10.67
C ARG A 17 -11.84 3.35 -9.39
N GLY A 18 -11.10 3.38 -8.29
CA GLY A 18 -11.56 2.90 -7.00
C GLY A 18 -10.49 3.01 -5.93
N SER A 19 -10.87 2.75 -4.67
CA SER A 19 -9.96 2.82 -3.52
C SER A 19 -8.97 1.63 -3.56
N HIS A 20 -7.74 1.91 -4.03
CA HIS A 20 -6.66 0.91 -4.12
C HIS A 20 -5.48 1.39 -3.28
N MET A 21 -5.54 1.09 -1.96
CA MET A 21 -4.48 1.45 -1.01
C MET A 21 -3.29 0.47 -1.17
N THR A 22 -2.32 0.92 -2.00
CA THR A 22 -1.10 0.16 -2.28
C THR A 22 -0.25 0.06 -1.01
N THR A 23 -0.28 -1.13 -0.43
CA THR A 23 0.28 -1.43 0.89
C THR A 23 1.76 -1.81 0.77
N VAL A 24 2.63 -0.94 1.33
CA VAL A 24 4.06 -1.19 1.44
C VAL A 24 4.36 -1.90 2.78
N LYS A 25 4.62 -3.21 2.71
CA LYS A 25 4.82 -4.06 3.90
C LYS A 25 6.31 -4.27 4.22
N LEU A 26 6.62 -4.28 5.52
CA LEU A 26 7.96 -4.48 6.10
C LEU A 26 7.90 -5.61 7.14
N GLY A 27 8.99 -5.79 7.90
CA GLY A 27 8.99 -6.69 9.06
C GLY A 27 8.11 -6.13 10.17
N ASP A 28 6.87 -6.66 10.30
CA ASP A 28 5.78 -6.25 11.23
C ASP A 28 5.16 -4.87 10.86
N ILE A 29 6.00 -3.88 10.55
CA ILE A 29 5.59 -2.53 10.14
C ILE A 29 4.86 -2.59 8.79
N LYS A 30 3.69 -1.97 8.71
CA LYS A 30 2.85 -1.95 7.51
C LYS A 30 2.44 -0.50 7.19
N VAL A 31 2.72 -0.07 5.96
CA VAL A 31 2.37 1.29 5.46
C VAL A 31 1.35 1.15 4.31
N THR A 32 0.42 2.11 4.19
CA THR A 32 -0.62 2.10 3.14
C THR A 32 -0.67 3.46 2.44
N PHE A 33 -0.77 3.45 1.09
CA PHE A 33 -0.93 4.66 0.26
C PHE A 33 -2.16 4.47 -0.64
N ASP A 34 -3.22 5.26 -0.40
CA ASP A 34 -4.49 5.22 -1.18
C ASP A 34 -4.27 5.46 -2.69
N ASN A 35 -3.18 6.16 -3.00
CA ASN A 35 -2.78 6.47 -4.39
C ASN A 35 -1.56 5.60 -4.78
N PRO A 36 -1.65 4.79 -5.89
CA PRO A 36 -0.57 3.86 -6.30
C PRO A 36 0.70 4.58 -6.84
N GLU A 37 0.51 5.82 -7.32
CA GLU A 37 1.59 6.66 -7.86
C GLU A 37 2.53 7.07 -6.70
N LYS A 38 1.93 7.70 -5.67
CA LYS A 38 2.65 8.16 -4.45
C LYS A 38 3.30 6.99 -3.70
N ALA A 39 2.67 5.80 -3.80
CA ALA A 39 3.15 4.57 -3.15
C ALA A 39 4.58 4.22 -3.56
N LYS A 40 4.82 4.23 -4.88
CA LYS A 40 6.13 3.89 -5.46
C LYS A 40 7.17 4.98 -5.16
N LYS A 41 6.72 6.24 -5.32
CA LYS A 41 7.54 7.45 -5.08
C LYS A 41 8.10 7.53 -3.65
N TYR A 42 7.38 6.91 -2.69
CA TYR A 42 7.77 6.92 -1.26
C TYR A 42 8.36 5.57 -0.82
N ALA A 43 7.99 4.46 -1.51
CA ALA A 43 8.49 3.09 -1.18
C ALA A 43 9.99 2.94 -1.52
N GLN A 44 10.42 3.68 -2.57
CA GLN A 44 11.83 3.73 -3.00
C GLN A 44 12.73 4.42 -1.95
N LYS A 45 12.11 5.21 -1.05
CA LYS A 45 12.80 5.81 0.10
C LYS A 45 12.99 4.75 1.21
N LEU A 46 11.92 3.94 1.45
CA LEU A 46 11.91 2.87 2.48
C LEU A 46 13.00 1.80 2.23
N ALA A 47 13.51 1.75 0.99
CA ALA A 47 14.67 0.93 0.62
C ALA A 47 15.88 1.24 1.54
N LYS A 48 16.28 2.53 1.57
CA LYS A 48 17.45 2.98 2.36
C LYS A 48 17.07 3.42 3.80
N ILE A 49 15.80 3.24 4.19
CA ILE A 49 15.39 3.41 5.60
C ILE A 49 15.62 2.07 6.35
N TYR A 50 15.23 0.96 5.70
CA TYR A 50 15.29 -0.40 6.28
C TYR A 50 16.53 -1.18 5.81
N GLN A 51 17.38 -0.53 4.97
CA GLN A 51 18.63 -1.10 4.39
C GLN A 51 18.30 -2.23 3.37
N LEU A 52 17.02 -2.33 2.99
CA LEU A 52 16.48 -3.42 2.15
C LEU A 52 16.22 -2.92 0.71
N THR A 53 15.63 -3.79 -0.13
CA THR A 53 15.38 -3.49 -1.55
C THR A 53 13.86 -3.52 -1.84
N VAL A 54 13.35 -2.42 -2.44
CA VAL A 54 11.93 -2.29 -2.81
C VAL A 54 11.53 -3.32 -3.90
N HIS A 55 10.67 -4.29 -3.53
CA HIS A 55 10.25 -5.39 -4.42
C HIS A 55 8.73 -5.49 -4.44
N VAL A 56 8.15 -5.75 -5.63
CA VAL A 56 6.69 -5.86 -5.82
C VAL A 56 6.27 -7.35 -5.87
N HIS A 57 5.21 -7.67 -5.13
CA HIS A 57 4.57 -8.98 -5.11
C HIS A 57 3.05 -8.76 -5.29
N GLY A 58 2.64 -8.66 -6.56
CA GLY A 58 1.30 -8.18 -6.90
C GLY A 58 1.22 -6.67 -6.71
N ASP A 59 0.06 -6.16 -6.27
CA ASP A 59 -0.11 -4.75 -5.89
C ASP A 59 0.46 -4.47 -4.47
N THR A 60 0.85 -5.54 -3.77
CA THR A 60 1.51 -5.46 -2.45
C THR A 60 3.03 -5.31 -2.63
N ILE A 61 3.57 -4.13 -2.28
CA ILE A 61 5.01 -3.84 -2.38
C ILE A 61 5.69 -4.13 -1.03
N HIS A 62 6.46 -5.22 -0.92
CA HIS A 62 7.25 -5.49 0.30
C HIS A 62 8.71 -5.13 0.04
N VAL A 63 9.27 -4.24 0.88
CA VAL A 63 10.67 -3.83 0.78
C VAL A 63 11.56 -4.82 1.57
N LYS A 64 12.24 -5.70 0.82
CA LYS A 64 13.25 -6.63 1.34
C LYS A 64 14.14 -7.06 0.16
N MET A 1 -20.62 14.69 24.25
CA MET A 1 -19.75 13.50 24.08
C MET A 1 -20.45 12.24 24.63
N GLY A 2 -20.57 11.21 23.77
CA GLY A 2 -21.28 9.98 24.09
C GLY A 2 -22.78 10.07 23.79
N SER A 3 -23.33 9.06 23.08
CA SER A 3 -24.75 9.03 22.67
C SER A 3 -25.68 9.01 23.90
N SER A 4 -26.35 10.17 24.15
CA SER A 4 -27.31 10.40 25.27
C SER A 4 -26.60 10.45 26.65
N HIS A 5 -25.25 10.37 26.66
CA HIS A 5 -24.42 10.41 27.88
C HIS A 5 -24.09 11.88 28.19
N HIS A 6 -24.19 12.27 29.49
CA HIS A 6 -24.06 13.67 29.96
C HIS A 6 -22.66 14.28 29.66
N HIS A 7 -22.54 15.61 29.88
CA HIS A 7 -21.32 16.38 29.57
C HIS A 7 -20.15 15.97 30.50
N HIS A 8 -19.18 15.24 29.93
CA HIS A 8 -17.96 14.78 30.62
C HIS A 8 -16.73 15.16 29.77
N HIS A 9 -15.56 14.50 30.02
CA HIS A 9 -14.31 14.74 29.28
C HIS A 9 -14.56 14.56 27.75
N HIS A 10 -14.39 15.65 26.99
CA HIS A 10 -14.57 15.64 25.53
C HIS A 10 -13.42 14.84 24.86
N SER A 11 -13.76 13.63 24.39
CA SER A 11 -12.81 12.74 23.71
C SER A 11 -12.75 13.10 22.21
N SER A 12 -11.56 13.49 21.74
CA SER A 12 -11.30 13.79 20.31
C SER A 12 -10.22 12.81 19.77
N GLY A 13 -10.65 11.88 18.89
CA GLY A 13 -9.76 10.93 18.23
C GLY A 13 -10.20 10.63 16.80
N LEU A 14 -10.79 11.66 16.16
CA LEU A 14 -11.36 11.57 14.80
C LEU A 14 -10.20 11.61 13.77
N VAL A 15 -9.75 10.42 13.35
CA VAL A 15 -8.72 10.25 12.30
C VAL A 15 -9.43 9.87 10.98
N PRO A 16 -9.70 10.86 10.06
CA PRO A 16 -10.41 10.59 8.79
C PRO A 16 -9.53 9.84 7.79
N ARG A 17 -9.64 8.50 7.80
CA ARG A 17 -8.86 7.61 6.93
C ARG A 17 -9.74 6.42 6.50
N GLY A 18 -9.80 6.17 5.18
CA GLY A 18 -10.59 5.07 4.62
C GLY A 18 -10.63 5.13 3.10
N SER A 19 -9.47 5.41 2.49
CA SER A 19 -9.32 5.52 1.03
C SER A 19 -8.42 4.38 0.50
N HIS A 20 -8.54 4.06 -0.81
CA HIS A 20 -7.70 3.04 -1.46
C HIS A 20 -6.20 3.45 -1.37
N MET A 21 -5.45 2.68 -0.58
CA MET A 21 -4.05 3.00 -0.23
C MET A 21 -3.20 1.71 -0.29
N THR A 22 -2.01 1.82 -0.90
CA THR A 22 -1.10 0.68 -1.10
C THR A 22 -0.33 0.37 0.20
N THR A 23 -0.64 -0.78 0.80
CA THR A 23 0.00 -1.25 2.02
C THR A 23 1.31 -2.01 1.69
N VAL A 24 2.45 -1.35 1.95
CA VAL A 24 3.79 -1.93 1.82
C VAL A 24 4.14 -2.74 3.10
N LYS A 25 4.20 -4.08 2.94
CA LYS A 25 4.46 -5.02 4.05
C LYS A 25 5.97 -5.25 4.25
N LEU A 26 6.43 -5.15 5.50
CA LEU A 26 7.80 -5.49 5.92
C LEU A 26 7.71 -6.45 7.12
N GLY A 27 8.80 -6.55 7.93
CA GLY A 27 8.84 -7.41 9.11
C GLY A 27 7.78 -7.05 10.14
N ASP A 28 6.58 -7.66 9.99
CA ASP A 28 5.39 -7.51 10.88
C ASP A 28 4.65 -6.16 10.69
N ILE A 29 5.39 -5.07 10.45
CA ILE A 29 4.85 -3.72 10.25
C ILE A 29 4.19 -3.62 8.87
N LYS A 30 3.04 -2.93 8.82
CA LYS A 30 2.36 -2.56 7.58
C LYS A 30 2.45 -1.03 7.43
N VAL A 31 3.33 -0.57 6.52
CA VAL A 31 3.37 0.83 6.07
C VAL A 31 2.33 0.99 4.94
N THR A 32 1.79 2.20 4.75
CA THR A 32 0.83 2.48 3.68
C THR A 32 1.03 3.88 3.10
N PHE A 33 0.68 4.02 1.81
CA PHE A 33 0.79 5.28 1.05
C PHE A 33 -0.55 5.58 0.36
N ASP A 34 -1.06 6.81 0.58
CA ASP A 34 -2.38 7.26 0.07
C ASP A 34 -2.32 7.63 -1.44
N ASN A 35 -1.12 7.52 -2.05
CA ASN A 35 -0.94 7.66 -3.51
C ASN A 35 -0.58 6.27 -4.10
N PRO A 36 -1.57 5.54 -4.71
CA PRO A 36 -1.29 4.23 -5.35
C PRO A 36 -0.56 4.38 -6.71
N GLU A 37 -0.50 5.63 -7.22
CA GLU A 37 0.11 5.96 -8.51
C GLU A 37 1.65 6.02 -8.41
N LYS A 38 2.16 6.69 -7.36
CA LYS A 38 3.61 6.78 -7.07
C LYS A 38 3.97 5.92 -5.85
N ALA A 39 3.13 4.91 -5.57
CA ALA A 39 3.30 3.98 -4.43
C ALA A 39 4.67 3.29 -4.44
N LYS A 40 5.08 2.86 -5.64
CA LYS A 40 6.36 2.18 -5.89
C LYS A 40 7.55 3.11 -5.60
N LYS A 41 7.41 4.40 -5.98
CA LYS A 41 8.44 5.46 -5.78
C LYS A 41 8.62 5.75 -4.27
N TYR A 42 7.48 5.91 -3.59
CA TYR A 42 7.42 6.14 -2.13
C TYR A 42 7.94 4.92 -1.35
N ALA A 43 7.79 3.72 -1.95
CA ALA A 43 8.33 2.48 -1.41
C ALA A 43 9.86 2.44 -1.56
N GLN A 44 10.39 2.96 -2.70
CA GLN A 44 11.85 3.05 -2.95
C GLN A 44 12.53 3.97 -1.92
N LYS A 45 11.82 5.06 -1.55
CA LYS A 45 12.21 5.98 -0.47
C LYS A 45 12.21 5.24 0.87
N LEU A 46 11.09 4.54 1.14
CA LEU A 46 10.86 3.75 2.37
C LEU A 46 11.98 2.71 2.60
N ALA A 47 12.43 2.11 1.48
CA ALA A 47 13.48 1.10 1.43
C ALA A 47 14.79 1.66 2.00
N LYS A 48 15.18 2.86 1.52
CA LYS A 48 16.44 3.53 1.92
C LYS A 48 16.36 4.14 3.32
N ILE A 49 15.13 4.37 3.84
CA ILE A 49 14.91 4.78 5.25
C ILE A 49 15.37 3.63 6.19
N TYR A 50 15.02 2.39 5.81
CA TYR A 50 15.44 1.17 6.55
C TYR A 50 16.79 0.64 6.04
N GLN A 51 17.24 1.15 4.87
CA GLN A 51 18.47 0.73 4.14
C GLN A 51 18.35 -0.71 3.55
N LEU A 52 17.12 -1.24 3.54
CA LEU A 52 16.77 -2.49 2.80
C LEU A 52 16.29 -2.10 1.38
N THR A 53 15.68 -3.04 0.65
CA THR A 53 15.17 -2.79 -0.72
C THR A 53 13.76 -3.39 -0.90
N VAL A 54 12.83 -2.59 -1.44
CA VAL A 54 11.46 -3.01 -1.77
C VAL A 54 11.43 -3.72 -3.13
N HIS A 55 10.53 -4.70 -3.25
CA HIS A 55 10.24 -5.38 -4.51
C HIS A 55 8.71 -5.52 -4.65
N VAL A 56 8.18 -5.09 -5.80
CA VAL A 56 6.73 -4.97 -6.05
C VAL A 56 6.21 -6.23 -6.77
N HIS A 57 5.34 -6.99 -6.09
CA HIS A 57 4.68 -8.19 -6.63
C HIS A 57 3.18 -7.93 -6.70
N GLY A 58 2.70 -7.49 -7.89
CA GLY A 58 1.31 -7.08 -8.06
C GLY A 58 1.03 -5.79 -7.29
N ASP A 59 -0.11 -5.74 -6.58
CA ASP A 59 -0.48 -4.59 -5.70
C ASP A 59 0.34 -4.62 -4.39
N THR A 60 0.80 -5.82 -4.00
CA THR A 60 1.53 -6.02 -2.73
C THR A 60 3.03 -5.70 -2.90
N ILE A 61 3.43 -4.53 -2.42
CA ILE A 61 4.85 -4.14 -2.32
C ILE A 61 5.39 -4.64 -0.97
N HIS A 62 6.56 -5.29 -0.99
CA HIS A 62 7.18 -5.84 0.25
C HIS A 62 8.67 -5.44 0.34
N VAL A 63 9.11 -5.01 1.53
CA VAL A 63 10.50 -4.59 1.79
C VAL A 63 11.35 -5.84 2.11
N LYS A 64 12.19 -6.27 1.15
CA LYS A 64 13.12 -7.40 1.32
C LYS A 64 14.55 -6.84 1.53
N MET A 1 -20.47 -24.53 -26.22
CA MET A 1 -19.55 -24.15 -27.33
C MET A 1 -18.90 -22.80 -26.99
N GLY A 2 -17.55 -22.72 -27.13
CA GLY A 2 -16.80 -21.52 -26.75
C GLY A 2 -16.48 -21.48 -25.26
N SER A 3 -16.34 -20.27 -24.71
CA SER A 3 -16.02 -20.07 -23.27
C SER A 3 -17.01 -19.07 -22.62
N SER A 4 -16.88 -18.90 -21.30
CA SER A 4 -17.66 -17.92 -20.54
C SER A 4 -17.23 -16.47 -20.87
N HIS A 5 -18.17 -15.51 -20.75
CA HIS A 5 -17.89 -14.08 -21.00
C HIS A 5 -16.88 -13.52 -19.98
N HIS A 6 -17.03 -13.91 -18.70
CA HIS A 6 -16.01 -13.67 -17.68
C HIS A 6 -14.82 -14.59 -17.92
N HIS A 7 -13.61 -14.05 -17.72
CA HIS A 7 -12.35 -14.76 -17.95
C HIS A 7 -11.55 -14.79 -16.64
N HIS A 8 -11.57 -15.95 -15.95
CA HIS A 8 -10.88 -16.10 -14.65
C HIS A 8 -9.35 -16.04 -14.85
N HIS A 9 -8.70 -15.15 -14.08
CA HIS A 9 -7.24 -14.96 -14.12
C HIS A 9 -6.80 -14.30 -12.80
N HIS A 10 -5.67 -14.76 -12.24
CA HIS A 10 -5.09 -14.19 -11.00
C HIS A 10 -4.45 -12.82 -11.32
N SER A 11 -5.19 -11.75 -10.99
CA SER A 11 -4.75 -10.36 -11.23
C SER A 11 -5.05 -9.51 -9.98
N SER A 12 -4.21 -8.48 -9.75
CA SER A 12 -4.32 -7.58 -8.60
C SER A 12 -3.74 -6.21 -8.99
N GLY A 13 -4.55 -5.14 -8.81
CA GLY A 13 -4.16 -3.79 -9.20
C GLY A 13 -4.65 -3.44 -10.61
N LEU A 14 -4.49 -4.40 -11.55
CA LEU A 14 -4.97 -4.27 -12.94
C LEU A 14 -6.50 -4.27 -12.99
N VAL A 15 -7.10 -5.10 -12.12
CA VAL A 15 -8.56 -5.17 -11.92
C VAL A 15 -8.95 -4.36 -10.64
N PRO A 16 -9.51 -3.12 -10.80
CA PRO A 16 -10.05 -2.33 -9.68
C PRO A 16 -11.58 -2.49 -9.50
N ARG A 17 -11.99 -3.24 -8.45
CA ARG A 17 -13.40 -3.32 -8.05
C ARG A 17 -13.77 -2.03 -7.29
N GLY A 18 -14.16 -1.01 -8.08
CA GLY A 18 -14.32 0.35 -7.57
C GLY A 18 -12.97 1.04 -7.40
N SER A 19 -12.26 0.66 -6.31
CA SER A 19 -10.89 1.13 -6.03
C SER A 19 -10.04 -0.04 -5.45
N HIS A 20 -8.72 0.06 -5.62
CA HIS A 20 -7.75 -0.88 -5.01
C HIS A 20 -6.67 -0.08 -4.27
N MET A 21 -6.47 -0.37 -2.98
CA MET A 21 -5.43 0.28 -2.17
C MET A 21 -4.17 -0.60 -2.16
N THR A 22 -3.01 0.04 -2.26
CA THR A 22 -1.71 -0.64 -2.21
C THR A 22 -1.34 -0.97 -0.75
N THR A 23 -0.59 -2.06 -0.56
CA THR A 23 -0.06 -2.44 0.74
C THR A 23 1.46 -2.52 0.66
N VAL A 24 2.13 -1.48 1.20
CA VAL A 24 3.59 -1.43 1.36
C VAL A 24 3.94 -2.03 2.73
N LYS A 25 4.45 -3.28 2.74
CA LYS A 25 4.76 -4.00 3.98
C LYS A 25 6.23 -3.76 4.38
N LEU A 26 6.39 -2.87 5.38
CA LEU A 26 7.68 -2.49 5.97
C LEU A 26 7.88 -3.24 7.31
N GLY A 27 9.08 -3.15 7.90
CA GLY A 27 9.44 -3.88 9.13
C GLY A 27 8.54 -3.54 10.32
N ASP A 28 7.56 -4.45 10.59
CA ASP A 28 6.55 -4.29 11.68
C ASP A 28 5.60 -3.09 11.43
N ILE A 29 5.68 -2.49 10.23
CA ILE A 29 4.86 -1.35 9.82
C ILE A 29 4.12 -1.72 8.53
N LYS A 30 2.83 -2.03 8.60
CA LYS A 30 2.04 -2.35 7.41
C LYS A 30 1.35 -1.07 6.94
N VAL A 31 1.93 -0.45 5.90
CA VAL A 31 1.41 0.80 5.33
C VAL A 31 0.43 0.45 4.22
N THR A 32 -0.88 0.55 4.52
CA THR A 32 -1.89 0.49 3.49
C THR A 32 -2.09 1.93 2.99
N PHE A 33 -1.59 2.18 1.77
CA PHE A 33 -1.50 3.53 1.19
C PHE A 33 -2.64 3.68 0.17
N ASP A 34 -3.16 4.91 0.02
CA ASP A 34 -4.40 5.18 -0.73
C ASP A 34 -4.31 4.80 -2.23
N ASN A 35 -3.09 4.86 -2.79
CA ASN A 35 -2.87 4.74 -4.24
C ASN A 35 -1.39 4.33 -4.52
N PRO A 36 -1.16 3.21 -5.33
CA PRO A 36 0.21 2.66 -5.60
C PRO A 36 1.17 3.60 -6.36
N GLU A 37 0.63 4.69 -6.93
CA GLU A 37 1.43 5.65 -7.74
C GLU A 37 2.52 6.35 -6.89
N LYS A 38 2.13 6.86 -5.70
CA LYS A 38 3.07 7.54 -4.78
C LYS A 38 3.83 6.52 -3.93
N ALA A 39 3.21 5.34 -3.73
CA ALA A 39 3.72 4.28 -2.84
C ALA A 39 5.07 3.68 -3.31
N LYS A 40 5.32 3.74 -4.63
CA LYS A 40 6.62 3.32 -5.22
C LYS A 40 7.75 4.29 -4.79
N LYS A 41 7.40 5.58 -4.82
CA LYS A 41 8.31 6.71 -4.50
C LYS A 41 8.55 6.79 -2.98
N TYR A 42 7.54 6.33 -2.25
CA TYR A 42 7.53 6.22 -0.80
C TYR A 42 8.45 5.08 -0.34
N ALA A 43 8.30 3.91 -0.98
CA ALA A 43 8.97 2.67 -0.60
C ALA A 43 10.47 2.67 -0.95
N GLN A 44 10.85 3.43 -2.02
CA GLN A 44 12.26 3.52 -2.49
C GLN A 44 13.16 4.22 -1.45
N LYS A 45 12.55 5.14 -0.67
CA LYS A 45 13.24 5.83 0.42
C LYS A 45 13.47 4.86 1.58
N LEU A 46 12.40 4.13 1.93
CA LEU A 46 12.40 3.15 3.03
C LEU A 46 13.35 1.97 2.75
N ALA A 47 13.58 1.69 1.45
CA ALA A 47 14.51 0.64 1.00
C ALA A 47 15.95 0.98 1.42
N LYS A 48 16.34 2.26 1.23
CA LYS A 48 17.69 2.73 1.54
C LYS A 48 17.88 2.78 3.08
N ILE A 49 16.85 3.34 3.78
CA ILE A 49 16.86 3.49 5.25
C ILE A 49 17.02 2.13 5.97
N TYR A 50 16.20 1.15 5.52
CA TYR A 50 16.15 -0.21 6.11
C TYR A 50 17.19 -1.15 5.45
N GLN A 51 17.96 -0.65 4.45
CA GLN A 51 18.98 -1.44 3.70
C GLN A 51 18.35 -2.62 2.91
N LEU A 52 17.05 -2.53 2.65
CA LEU A 52 16.26 -3.60 1.98
C LEU A 52 15.89 -3.21 0.54
N THR A 53 15.08 -4.05 -0.13
CA THR A 53 14.71 -3.89 -1.56
C THR A 53 13.22 -3.57 -1.68
N VAL A 54 12.84 -2.73 -2.68
CA VAL A 54 11.42 -2.51 -3.02
C VAL A 54 10.95 -3.68 -3.90
N HIS A 55 10.42 -4.73 -3.24
CA HIS A 55 9.91 -5.90 -3.94
C HIS A 55 8.42 -5.68 -4.26
N VAL A 56 8.18 -5.12 -5.46
CA VAL A 56 6.82 -4.80 -5.94
C VAL A 56 6.23 -6.00 -6.70
N HIS A 57 5.03 -6.42 -6.29
CA HIS A 57 4.24 -7.43 -6.99
C HIS A 57 2.82 -6.89 -7.18
N GLY A 58 2.59 -6.18 -8.30
CA GLY A 58 1.35 -5.44 -8.50
C GLY A 58 1.26 -4.26 -7.53
N ASP A 59 0.07 -4.07 -6.93
CA ASP A 59 -0.12 -3.08 -5.84
C ASP A 59 0.17 -3.71 -4.45
N THR A 60 0.81 -4.89 -4.43
CA THR A 60 1.29 -5.52 -3.19
C THR A 60 2.83 -5.35 -3.10
N ILE A 61 3.26 -4.27 -2.44
CA ILE A 61 4.68 -3.93 -2.25
C ILE A 61 5.17 -4.52 -0.92
N HIS A 62 6.38 -5.10 -0.93
CA HIS A 62 7.02 -5.62 0.29
C HIS A 62 8.47 -5.13 0.31
N VAL A 63 8.83 -4.30 1.29
CA VAL A 63 10.21 -3.77 1.40
C VAL A 63 11.09 -4.80 2.13
N LYS A 64 11.75 -5.67 1.34
CA LYS A 64 12.77 -6.63 1.80
C LYS A 64 13.58 -7.15 0.59
N MET A 1 -37.16 49.62 -1.86
CA MET A 1 -35.90 49.75 -2.63
C MET A 1 -34.72 49.95 -1.66
N GLY A 2 -33.75 49.01 -1.69
CA GLY A 2 -32.59 49.04 -0.79
C GLY A 2 -32.66 47.95 0.26
N SER A 3 -32.96 46.73 -0.18
CA SER A 3 -32.95 45.54 0.69
C SER A 3 -31.51 45.02 0.85
N SER A 4 -30.85 45.40 1.95
CA SER A 4 -29.47 45.01 2.25
C SER A 4 -29.42 43.52 2.68
N HIS A 5 -29.18 42.65 1.68
CA HIS A 5 -29.09 41.19 1.87
C HIS A 5 -27.61 40.75 1.99
N HIS A 6 -27.38 39.58 2.61
CA HIS A 6 -26.00 39.08 2.90
C HIS A 6 -25.72 37.79 2.10
N HIS A 7 -24.43 37.42 2.05
CA HIS A 7 -23.96 36.16 1.45
C HIS A 7 -23.78 35.12 2.57
N HIS A 8 -23.94 33.84 2.21
CA HIS A 8 -23.65 32.69 3.09
C HIS A 8 -22.85 31.64 2.30
N HIS A 9 -21.53 31.60 2.53
CA HIS A 9 -20.61 30.64 1.87
C HIS A 9 -20.80 29.22 2.44
N HIS A 10 -20.23 28.23 1.74
CA HIS A 10 -20.25 26.82 2.15
C HIS A 10 -18.84 26.23 2.01
N SER A 11 -18.62 25.10 2.71
CA SER A 11 -17.37 24.31 2.64
C SER A 11 -17.51 23.21 1.58
N SER A 12 -16.35 22.68 1.13
CA SER A 12 -16.25 21.55 0.18
C SER A 12 -15.67 20.31 0.91
N GLY A 13 -15.69 19.16 0.22
CA GLY A 13 -15.17 17.89 0.75
C GLY A 13 -14.15 17.26 -0.18
N LEU A 14 -13.47 16.20 0.30
CA LEU A 14 -12.48 15.44 -0.48
C LEU A 14 -13.21 14.52 -1.47
N VAL A 15 -12.66 14.38 -2.69
CA VAL A 15 -13.26 13.55 -3.77
C VAL A 15 -13.07 12.02 -3.46
N PRO A 16 -14.16 11.28 -3.10
CA PRO A 16 -14.09 9.82 -2.81
C PRO A 16 -14.24 8.99 -4.12
N ARG A 17 -13.15 8.33 -4.53
CA ARG A 17 -13.10 7.46 -5.73
C ARG A 17 -12.75 6.02 -5.33
N GLY A 18 -12.65 5.13 -6.34
CA GLY A 18 -12.32 3.71 -6.12
C GLY A 18 -10.82 3.44 -5.98
N SER A 19 -10.17 4.25 -5.13
CA SER A 19 -8.72 4.20 -4.89
C SER A 19 -8.34 2.93 -4.10
N HIS A 20 -7.74 1.97 -4.82
CA HIS A 20 -7.26 0.70 -4.23
C HIS A 20 -6.01 0.97 -3.39
N MET A 21 -6.04 0.55 -2.11
CA MET A 21 -4.97 0.83 -1.16
C MET A 21 -3.74 -0.04 -1.43
N THR A 22 -2.64 0.62 -1.82
CA THR A 22 -1.37 -0.04 -2.08
C THR A 22 -0.70 -0.43 -0.75
N THR A 23 -0.78 -1.72 -0.43
CA THR A 23 -0.35 -2.25 0.85
C THR A 23 1.16 -2.48 0.85
N VAL A 24 1.89 -1.56 1.49
CA VAL A 24 3.33 -1.69 1.72
C VAL A 24 3.57 -2.60 2.95
N LYS A 25 3.98 -3.84 2.67
CA LYS A 25 4.29 -4.84 3.70
C LYS A 25 5.75 -4.66 4.16
N LEU A 26 5.94 -3.99 5.29
CA LEU A 26 7.26 -3.83 5.94
C LEU A 26 7.38 -4.88 7.07
N GLY A 27 8.62 -5.17 7.52
CA GLY A 27 8.88 -6.17 8.57
C GLY A 27 8.08 -5.90 9.84
N ASP A 28 6.94 -6.63 9.99
CA ASP A 28 5.99 -6.55 11.16
C ASP A 28 5.30 -5.18 11.25
N ILE A 29 5.35 -4.41 10.14
CA ILE A 29 4.78 -3.06 10.05
C ILE A 29 3.87 -2.97 8.81
N LYS A 30 2.61 -2.58 9.02
CA LYS A 30 1.56 -2.52 7.99
C LYS A 30 1.33 -1.06 7.56
N VAL A 31 1.58 -0.76 6.28
CA VAL A 31 1.34 0.58 5.69
C VAL A 31 0.45 0.44 4.44
N THR A 32 -0.47 1.40 4.23
CA THR A 32 -1.35 1.45 3.04
C THR A 32 -1.40 2.90 2.49
N PHE A 33 -1.36 3.03 1.16
CA PHE A 33 -1.44 4.33 0.47
C PHE A 33 -2.66 4.36 -0.46
N ASP A 34 -3.14 5.58 -0.76
CA ASP A 34 -4.35 5.82 -1.58
C ASP A 34 -4.21 5.22 -3.00
N ASN A 35 -3.01 5.39 -3.60
CA ASN A 35 -2.72 4.94 -4.98
C ASN A 35 -1.22 4.54 -5.11
N PRO A 36 -0.85 3.64 -6.09
CA PRO A 36 0.54 3.07 -6.21
C PRO A 36 1.63 4.12 -6.48
N GLU A 37 1.23 5.29 -7.02
CA GLU A 37 2.16 6.38 -7.34
C GLU A 37 2.88 6.85 -6.07
N LYS A 38 2.08 7.05 -5.01
CA LYS A 38 2.56 7.45 -3.66
C LYS A 38 3.56 6.41 -3.11
N ALA A 39 3.10 5.14 -3.14
CA ALA A 39 3.77 4.01 -2.50
C ALA A 39 5.14 3.69 -3.11
N LYS A 40 5.23 3.72 -4.44
CA LYS A 40 6.45 3.29 -5.18
C LYS A 40 7.61 4.30 -4.98
N LYS A 41 7.28 5.56 -4.65
CA LYS A 41 8.28 6.64 -4.51
C LYS A 41 8.77 6.70 -3.06
N TYR A 42 7.85 6.39 -2.14
CA TYR A 42 8.12 6.33 -0.71
C TYR A 42 8.94 5.08 -0.34
N ALA A 43 8.50 3.92 -0.87
CA ALA A 43 9.05 2.58 -0.51
C ALA A 43 10.49 2.39 -1.01
N GLN A 44 10.81 3.01 -2.17
CA GLN A 44 12.18 2.97 -2.73
C GLN A 44 13.14 3.79 -1.86
N LYS A 45 12.64 4.93 -1.32
CA LYS A 45 13.42 5.82 -0.44
C LYS A 45 13.57 5.21 0.98
N LEU A 46 12.54 4.47 1.41
CA LEU A 46 12.53 3.74 2.70
C LEU A 46 13.61 2.65 2.64
N ALA A 47 13.57 1.85 1.57
CA ALA A 47 14.53 0.76 1.32
C ALA A 47 15.96 1.31 1.13
N LYS A 48 16.06 2.51 0.54
CA LYS A 48 17.34 3.18 0.27
C LYS A 48 18.05 3.59 1.58
N ILE A 49 17.39 4.47 2.35
CA ILE A 49 17.97 5.12 3.54
C ILE A 49 18.10 4.13 4.72
N TYR A 50 16.99 3.40 4.98
CA TYR A 50 16.90 2.45 6.11
C TYR A 50 17.54 1.08 5.75
N GLN A 51 17.97 0.94 4.47
CA GLN A 51 18.79 -0.20 3.96
C GLN A 51 18.02 -1.54 3.91
N LEU A 52 16.81 -1.51 3.35
CA LEU A 52 16.02 -2.73 3.03
C LEU A 52 15.99 -2.94 1.49
N THR A 53 15.21 -3.94 1.03
CA THR A 53 14.99 -4.20 -0.42
C THR A 53 13.53 -3.86 -0.81
N VAL A 54 13.25 -3.77 -2.13
CA VAL A 54 11.89 -3.56 -2.67
C VAL A 54 11.42 -4.81 -3.42
N HIS A 55 10.18 -5.25 -3.13
CA HIS A 55 9.54 -6.39 -3.78
C HIS A 55 8.19 -5.92 -4.33
N VAL A 56 8.19 -5.46 -5.60
CA VAL A 56 6.98 -4.95 -6.26
C VAL A 56 6.10 -6.13 -6.74
N HIS A 57 5.00 -6.40 -6.01
CA HIS A 57 4.08 -7.50 -6.31
C HIS A 57 2.66 -6.93 -6.49
N GLY A 58 2.47 -6.23 -7.63
CA GLY A 58 1.18 -5.62 -7.93
C GLY A 58 0.82 -4.52 -6.93
N ASP A 59 -0.43 -4.55 -6.44
CA ASP A 59 -0.98 -3.60 -5.44
C ASP A 59 -0.31 -3.72 -4.06
N THR A 60 0.56 -4.75 -3.87
CA THR A 60 1.24 -5.00 -2.59
C THR A 60 2.78 -4.95 -2.79
N ILE A 61 3.41 -3.88 -2.27
CA ILE A 61 4.88 -3.69 -2.35
C ILE A 61 5.52 -4.10 -1.00
N HIS A 62 6.13 -5.29 -0.96
CA HIS A 62 6.80 -5.80 0.24
C HIS A 62 8.24 -5.24 0.33
N VAL A 63 8.57 -4.62 1.46
CA VAL A 63 9.92 -4.08 1.74
C VAL A 63 10.67 -5.08 2.66
N LYS A 64 11.86 -5.53 2.18
CA LYS A 64 12.73 -6.54 2.82
C LYS A 64 12.03 -7.93 2.85
N MET A 1 -8.91 -7.32 1.97
CA MET A 1 -9.23 -7.96 3.27
C MET A 1 -8.83 -7.05 4.43
N GLY A 2 -9.04 -7.51 5.67
CA GLY A 2 -8.78 -6.72 6.86
C GLY A 2 -10.03 -6.01 7.37
N SER A 3 -9.83 -5.02 8.26
CA SER A 3 -10.93 -4.34 8.96
C SER A 3 -10.46 -2.98 9.50
N SER A 4 -11.19 -2.46 10.52
CA SER A 4 -10.80 -1.26 11.28
C SER A 4 -9.40 -1.42 11.92
N HIS A 5 -8.60 -0.34 11.88
CA HIS A 5 -7.21 -0.31 12.36
C HIS A 5 -7.11 -0.55 13.88
N HIS A 6 -6.36 -1.61 14.26
CA HIS A 6 -6.12 -1.99 15.67
C HIS A 6 -4.63 -2.28 15.85
N HIS A 7 -3.97 -1.51 16.73
CA HIS A 7 -2.51 -1.53 16.94
C HIS A 7 -2.20 -1.99 18.39
N HIS A 8 -1.03 -1.55 18.96
CA HIS A 8 -0.51 -1.94 20.30
C HIS A 8 0.05 -3.37 20.26
N HIS A 9 1.10 -3.65 21.07
CA HIS A 9 1.89 -4.89 21.00
C HIS A 9 1.00 -6.14 21.26
N HIS A 10 0.56 -6.75 20.14
CA HIS A 10 -0.32 -7.94 20.11
C HIS A 10 0.15 -8.92 19.04
N SER A 11 -0.68 -9.96 18.78
CA SER A 11 -0.49 -10.89 17.66
C SER A 11 -0.63 -10.11 16.33
N SER A 12 0.51 -9.59 15.84
CA SER A 12 0.57 -8.72 14.67
C SER A 12 0.20 -9.52 13.40
N GLY A 13 -1.10 -9.46 13.05
CA GLY A 13 -1.63 -10.16 11.88
C GLY A 13 -1.23 -9.53 10.56
N LEU A 14 -1.70 -10.12 9.46
CA LEU A 14 -1.34 -9.73 8.08
C LEU A 14 -2.30 -8.60 7.58
N VAL A 15 -2.63 -7.66 8.49
CA VAL A 15 -3.68 -6.62 8.29
C VAL A 15 -3.38 -5.67 7.09
N PRO A 16 -4.17 -5.78 5.97
CA PRO A 16 -4.12 -4.85 4.83
C PRO A 16 -5.33 -3.89 4.82
N ARG A 17 -5.77 -3.46 3.61
CA ARG A 17 -6.99 -2.65 3.42
C ARG A 17 -7.98 -3.44 2.53
N GLY A 18 -9.31 -3.23 2.79
CA GLY A 18 -10.39 -3.97 2.12
C GLY A 18 -10.35 -3.85 0.60
N SER A 19 -10.29 -2.61 0.11
CA SER A 19 -10.14 -2.32 -1.34
C SER A 19 -8.70 -2.59 -1.78
N HIS A 20 -8.54 -3.06 -3.04
CA HIS A 20 -7.23 -3.43 -3.63
C HIS A 20 -6.40 -2.15 -3.88
N MET A 21 -5.71 -1.70 -2.84
CA MET A 21 -4.84 -0.52 -2.84
C MET A 21 -3.54 -0.88 -2.14
N THR A 22 -2.47 -0.10 -2.40
CA THR A 22 -1.10 -0.44 -1.98
C THR A 22 -0.98 -0.71 -0.47
N THR A 23 -0.49 -1.91 -0.15
CA THR A 23 -0.11 -2.31 1.21
C THR A 23 1.37 -2.69 1.22
N VAL A 24 2.21 -1.77 1.73
CA VAL A 24 3.65 -2.00 1.89
C VAL A 24 3.89 -2.80 3.18
N LYS A 25 4.20 -4.08 2.99
CA LYS A 25 4.46 -5.04 4.05
C LYS A 25 5.91 -4.91 4.53
N LEU A 26 6.08 -4.38 5.75
CA LEU A 26 7.39 -4.32 6.42
C LEU A 26 7.42 -5.35 7.56
N GLY A 27 8.59 -5.50 8.19
CA GLY A 27 8.71 -6.27 9.41
C GLY A 27 8.02 -5.53 10.55
N ASP A 28 6.85 -6.07 10.99
CA ASP A 28 6.00 -5.54 12.09
C ASP A 28 5.13 -4.35 11.64
N ILE A 29 5.76 -3.35 11.00
CA ILE A 29 5.07 -2.14 10.52
C ILE A 29 4.24 -2.45 9.26
N LYS A 30 2.97 -2.02 9.25
CA LYS A 30 2.07 -2.19 8.11
C LYS A 30 1.68 -0.82 7.55
N VAL A 31 2.29 -0.47 6.41
CA VAL A 31 2.01 0.77 5.68
C VAL A 31 0.99 0.45 4.57
N THR A 32 0.05 1.37 4.32
CA THR A 32 -0.98 1.20 3.27
C THR A 32 -1.57 2.57 2.87
N PHE A 33 -1.59 2.85 1.56
CA PHE A 33 -2.12 4.11 0.98
C PHE A 33 -3.03 3.81 -0.22
N ASP A 34 -3.93 4.77 -0.51
CA ASP A 34 -4.96 4.63 -1.57
C ASP A 34 -4.33 4.74 -2.97
N ASN A 35 -3.31 5.62 -3.09
CA ASN A 35 -2.63 5.90 -4.35
C ASN A 35 -1.55 4.84 -4.62
N PRO A 36 -1.70 4.01 -5.70
CA PRO A 36 -0.72 2.93 -6.03
C PRO A 36 0.41 3.37 -7.02
N GLU A 37 0.45 4.68 -7.36
CA GLU A 37 1.42 5.26 -8.32
C GLU A 37 2.68 5.74 -7.57
N LYS A 38 2.47 6.77 -6.74
CA LYS A 38 3.50 7.42 -5.91
C LYS A 38 3.94 6.51 -4.75
N ALA A 39 3.16 5.43 -4.53
CA ALA A 39 3.41 4.42 -3.50
C ALA A 39 4.80 3.77 -3.64
N LYS A 40 5.17 3.55 -4.91
CA LYS A 40 6.45 2.93 -5.27
C LYS A 40 7.64 3.85 -4.92
N LYS A 41 7.38 5.18 -4.96
CA LYS A 41 8.40 6.22 -4.75
C LYS A 41 8.79 6.35 -3.27
N TYR A 42 7.81 6.25 -2.34
CA TYR A 42 8.12 6.30 -0.89
C TYR A 42 8.67 4.95 -0.42
N ALA A 43 8.29 3.86 -1.13
CA ALA A 43 8.70 2.48 -0.80
C ALA A 43 10.19 2.26 -1.09
N GLN A 44 10.64 2.76 -2.25
CA GLN A 44 12.06 2.67 -2.66
C GLN A 44 12.94 3.62 -1.82
N LYS A 45 12.33 4.73 -1.37
CA LYS A 45 12.99 5.72 -0.50
C LYS A 45 13.20 5.12 0.91
N LEU A 46 12.15 4.42 1.41
CA LEU A 46 12.18 3.71 2.70
C LEU A 46 13.23 2.60 2.66
N ALA A 47 13.30 1.92 1.50
CA ALA A 47 14.26 0.83 1.25
C ALA A 47 15.70 1.34 1.10
N LYS A 48 15.85 2.66 0.91
CA LYS A 48 17.17 3.33 0.83
C LYS A 48 17.63 3.70 2.25
N ILE A 49 16.70 4.31 3.02
CA ILE A 49 16.93 4.74 4.42
C ILE A 49 17.30 3.54 5.30
N TYR A 50 16.52 2.46 5.16
CA TYR A 50 16.82 1.14 5.75
C TYR A 50 17.71 0.35 4.79
N GLN A 51 18.44 -0.65 5.30
CA GLN A 51 19.33 -1.49 4.48
C GLN A 51 18.57 -2.71 3.97
N LEU A 52 17.45 -2.41 3.29
CA LEU A 52 16.51 -3.42 2.77
C LEU A 52 16.37 -3.24 1.25
N THR A 53 15.68 -4.18 0.62
CA THR A 53 15.38 -4.15 -0.82
C THR A 53 13.86 -4.11 -1.02
N VAL A 54 13.39 -3.07 -1.75
CA VAL A 54 11.99 -2.95 -2.16
C VAL A 54 11.72 -3.85 -3.37
N HIS A 55 10.57 -4.54 -3.37
CA HIS A 55 10.06 -5.21 -4.57
C HIS A 55 8.54 -4.96 -4.68
N VAL A 56 8.18 -4.12 -5.66
CA VAL A 56 6.78 -3.80 -5.98
C VAL A 56 6.15 -4.92 -6.83
N HIS A 57 4.98 -5.40 -6.39
CA HIS A 57 4.18 -6.39 -7.13
C HIS A 57 2.74 -5.86 -7.20
N GLY A 58 2.51 -4.88 -8.09
CA GLY A 58 1.23 -4.18 -8.16
C GLY A 58 1.01 -3.34 -6.90
N ASP A 59 -0.19 -3.45 -6.32
CA ASP A 59 -0.51 -2.86 -5.00
C ASP A 59 0.40 -3.44 -3.90
N THR A 60 0.72 -4.75 -4.02
CA THR A 60 1.47 -5.50 -3.01
C THR A 60 2.98 -5.20 -3.09
N ILE A 61 3.41 -4.17 -2.35
CA ILE A 61 4.83 -3.86 -2.18
C ILE A 61 5.31 -4.50 -0.86
N HIS A 62 6.50 -5.10 -0.88
CA HIS A 62 7.17 -5.62 0.33
C HIS A 62 8.64 -5.18 0.32
N VAL A 63 9.13 -4.73 1.49
CA VAL A 63 10.52 -4.26 1.65
C VAL A 63 11.18 -5.07 2.79
N LYS A 64 12.22 -5.86 2.44
CA LYS A 64 12.91 -6.77 3.39
C LYS A 64 14.39 -6.98 3.00
N MET A 1 12.96 20.03 10.36
CA MET A 1 12.88 20.31 8.90
C MET A 1 13.08 19.02 8.08
N GLY A 2 12.84 19.12 6.76
CA GLY A 2 13.01 17.99 5.83
C GLY A 2 11.71 17.22 5.60
N SER A 3 11.45 16.22 6.46
CA SER A 3 10.24 15.38 6.41
C SER A 3 9.53 15.43 7.77
N SER A 4 8.41 14.69 7.91
CA SER A 4 7.69 14.54 9.19
C SER A 4 7.06 13.12 9.27
N HIS A 5 7.20 12.47 10.44
CA HIS A 5 6.69 11.12 10.70
C HIS A 5 5.18 11.20 11.03
N HIS A 6 4.35 11.19 9.98
CA HIS A 6 2.88 11.10 10.09
C HIS A 6 2.38 10.08 9.05
N HIS A 7 1.78 8.98 9.54
CA HIS A 7 1.33 7.86 8.69
C HIS A 7 -0.20 7.70 8.76
N HIS A 8 -0.84 7.85 7.60
CA HIS A 8 -2.28 7.58 7.41
C HIS A 8 -2.50 6.05 7.30
N HIS A 9 -3.50 5.55 8.05
CA HIS A 9 -3.87 4.12 8.07
C HIS A 9 -4.87 3.83 6.92
N HIS A 10 -5.35 2.58 6.83
CA HIS A 10 -6.29 2.15 5.78
C HIS A 10 -7.65 1.78 6.41
N SER A 11 -8.63 2.68 6.25
CA SER A 11 -10.05 2.38 6.52
C SER A 11 -10.65 1.87 5.19
N SER A 12 -10.24 0.64 4.84
CA SER A 12 -10.58 -0.01 3.56
C SER A 12 -11.64 -1.11 3.82
N GLY A 13 -11.97 -1.87 2.75
CA GLY A 13 -13.01 -2.91 2.83
C GLY A 13 -14.20 -2.53 1.95
N LEU A 14 -14.61 -1.26 2.04
CA LEU A 14 -15.68 -0.67 1.18
C LEU A 14 -15.13 -0.24 -0.21
N VAL A 15 -13.85 -0.53 -0.47
CA VAL A 15 -13.14 -0.18 -1.73
C VAL A 15 -13.83 -0.78 -3.00
N PRO A 16 -13.82 -0.03 -4.15
CA PRO A 16 -14.63 -0.36 -5.35
C PRO A 16 -14.01 -1.52 -6.18
N ARG A 17 -14.55 -2.74 -5.97
CA ARG A 17 -14.22 -3.98 -6.72
C ARG A 17 -12.69 -4.13 -6.97
N GLY A 18 -11.90 -3.88 -5.91
CA GLY A 18 -10.44 -4.00 -5.97
C GLY A 18 -9.77 -3.19 -4.86
N SER A 19 -8.69 -3.76 -4.30
CA SER A 19 -7.87 -3.09 -3.27
C SER A 19 -6.48 -2.79 -3.87
N HIS A 20 -6.29 -1.51 -4.28
CA HIS A 20 -5.03 -1.04 -4.88
C HIS A 20 -4.53 0.19 -4.09
N MET A 21 -3.67 -0.10 -3.12
CA MET A 21 -2.99 0.90 -2.29
C MET A 21 -1.56 0.41 -2.06
N THR A 22 -0.58 1.32 -1.95
CA THR A 22 0.83 0.94 -1.79
C THR A 22 1.04 0.32 -0.39
N THR A 23 0.80 -1.00 -0.33
CA THR A 23 0.82 -1.76 0.92
C THR A 23 2.25 -2.28 1.17
N VAL A 24 2.99 -1.55 2.02
CA VAL A 24 4.40 -1.83 2.30
C VAL A 24 4.53 -2.87 3.42
N LYS A 25 5.09 -4.03 3.06
CA LYS A 25 5.36 -5.13 3.98
C LYS A 25 6.78 -5.01 4.55
N LEU A 26 6.86 -4.55 5.80
CA LEU A 26 8.11 -4.49 6.58
C LEU A 26 8.14 -5.69 7.56
N GLY A 27 9.17 -5.74 8.43
CA GLY A 27 9.26 -6.77 9.48
C GLY A 27 8.12 -6.63 10.50
N ASP A 28 6.98 -7.28 10.18
CA ASP A 28 5.69 -7.24 10.93
C ASP A 28 4.92 -5.93 10.69
N ILE A 29 5.64 -4.80 10.58
CA ILE A 29 5.05 -3.46 10.46
C ILE A 29 4.23 -3.32 9.16
N LYS A 30 2.91 -3.09 9.33
CA LYS A 30 1.96 -3.00 8.22
C LYS A 30 1.75 -1.52 7.88
N VAL A 31 2.36 -1.11 6.76
CA VAL A 31 2.29 0.28 6.24
C VAL A 31 1.47 0.29 4.94
N THR A 32 0.75 1.38 4.71
CA THR A 32 0.07 1.64 3.43
C THR A 32 0.24 3.12 3.04
N PHE A 33 0.14 3.40 1.74
CA PHE A 33 0.17 4.76 1.18
C PHE A 33 -0.92 4.88 0.09
N ASP A 34 -1.63 6.03 0.08
CA ASP A 34 -2.74 6.29 -0.86
C ASP A 34 -2.21 6.56 -2.30
N ASN A 35 -2.96 6.08 -3.31
CA ASN A 35 -2.71 6.36 -4.75
C ASN A 35 -1.34 5.79 -5.21
N PRO A 36 -1.27 4.47 -5.61
CA PRO A 36 0.00 3.82 -6.09
C PRO A 36 0.63 4.47 -7.35
N GLU A 37 -0.13 5.39 -7.99
CA GLU A 37 0.36 6.20 -9.13
C GLU A 37 1.67 6.95 -8.77
N LYS A 38 1.72 7.44 -7.52
CA LYS A 38 2.90 8.14 -6.97
C LYS A 38 3.54 7.31 -5.84
N ALA A 39 2.68 6.86 -4.91
CA ALA A 39 3.08 6.30 -3.60
C ALA A 39 3.96 5.04 -3.69
N LYS A 40 3.80 4.30 -4.80
CA LYS A 40 4.56 3.07 -5.10
C LYS A 40 6.09 3.34 -5.15
N LYS A 41 6.43 4.58 -5.55
CA LYS A 41 7.83 5.04 -5.67
C LYS A 41 8.37 5.52 -4.30
N TYR A 42 7.47 6.01 -3.44
CA TYR A 42 7.81 6.45 -2.07
C TYR A 42 8.03 5.23 -1.13
N ALA A 43 7.56 4.04 -1.57
CA ALA A 43 7.83 2.77 -0.88
C ALA A 43 9.26 2.26 -1.18
N GLN A 44 9.76 2.62 -2.39
CA GLN A 44 11.17 2.39 -2.78
C GLN A 44 12.09 3.32 -1.95
N LYS A 45 11.56 4.53 -1.63
CA LYS A 45 12.23 5.49 -0.72
C LYS A 45 12.18 4.99 0.74
N LEU A 46 11.09 4.30 1.11
CA LEU A 46 10.94 3.71 2.47
C LEU A 46 11.91 2.51 2.61
N ALA A 47 12.17 1.82 1.49
CA ALA A 47 13.18 0.76 1.40
C ALA A 47 14.59 1.31 1.57
N LYS A 48 14.80 2.55 1.08
CA LYS A 48 16.07 3.31 1.26
C LYS A 48 16.29 3.66 2.75
N ILE A 49 15.20 4.06 3.43
CA ILE A 49 15.22 4.42 4.86
C ILE A 49 15.66 3.21 5.72
N TYR A 50 15.00 2.07 5.50
CA TYR A 50 15.32 0.81 6.18
C TYR A 50 16.61 0.15 5.63
N GLN A 51 17.10 0.64 4.47
CA GLN A 51 18.32 0.14 3.78
C GLN A 51 18.15 -1.34 3.36
N LEU A 52 16.89 -1.72 3.11
CA LEU A 52 16.49 -3.09 2.72
C LEU A 52 16.05 -3.13 1.24
N THR A 53 15.80 -4.34 0.72
CA THR A 53 15.61 -4.58 -0.71
C THR A 53 14.13 -4.48 -1.11
N VAL A 54 13.81 -3.54 -2.00
CA VAL A 54 12.45 -3.30 -2.49
C VAL A 54 12.03 -4.42 -3.49
N HIS A 55 10.99 -5.18 -3.11
CA HIS A 55 10.40 -6.25 -3.94
C HIS A 55 8.91 -5.93 -4.16
N VAL A 56 8.62 -5.34 -5.32
CA VAL A 56 7.27 -4.91 -5.70
C VAL A 56 6.45 -6.12 -6.20
N HIS A 57 5.35 -6.44 -5.51
CA HIS A 57 4.46 -7.55 -5.85
C HIS A 57 3.02 -7.01 -5.98
N GLY A 58 2.76 -6.36 -7.12
CA GLY A 58 1.52 -5.61 -7.33
C GLY A 58 1.58 -4.25 -6.65
N ASP A 59 0.46 -3.81 -6.05
CA ASP A 59 0.42 -2.61 -5.19
C ASP A 59 1.09 -2.88 -3.82
N THR A 60 1.11 -4.17 -3.44
CA THR A 60 1.70 -4.63 -2.18
C THR A 60 3.23 -4.85 -2.34
N ILE A 61 4.02 -3.87 -1.87
CA ILE A 61 5.49 -3.87 -1.99
C ILE A 61 6.14 -4.44 -0.72
N HIS A 62 6.71 -5.64 -0.84
CA HIS A 62 7.48 -6.27 0.25
C HIS A 62 8.92 -5.71 0.27
N VAL A 63 9.25 -4.95 1.31
CA VAL A 63 10.63 -4.52 1.60
C VAL A 63 11.32 -5.62 2.44
N LYS A 64 12.64 -5.80 2.22
CA LYS A 64 13.47 -6.92 2.74
C LYS A 64 13.11 -8.22 1.95
N MET A 1 32.67 35.40 2.93
CA MET A 1 31.62 35.23 3.95
C MET A 1 30.27 34.97 3.26
N GLY A 2 29.79 33.71 3.33
CA GLY A 2 28.56 33.30 2.64
C GLY A 2 28.45 31.78 2.62
N SER A 3 27.50 31.25 3.40
CA SER A 3 27.20 29.81 3.47
C SER A 3 25.81 29.62 4.08
N SER A 4 24.86 29.12 3.28
CA SER A 4 23.45 29.01 3.65
C SER A 4 22.98 27.54 3.61
N HIS A 5 21.76 27.29 4.13
CA HIS A 5 21.11 25.96 4.10
C HIS A 5 19.82 26.01 3.26
N HIS A 6 19.48 24.89 2.60
CA HIS A 6 18.23 24.75 1.82
C HIS A 6 17.13 24.12 2.70
N HIS A 7 15.90 24.68 2.65
CA HIS A 7 14.78 24.24 3.49
C HIS A 7 14.12 22.97 2.91
N HIS A 8 13.74 22.03 3.82
CA HIS A 8 13.01 20.81 3.44
C HIS A 8 11.57 21.15 3.05
N HIS A 9 11.17 20.79 1.82
CA HIS A 9 9.87 21.16 1.25
C HIS A 9 8.69 20.44 1.93
N HIS A 10 7.47 20.95 1.68
CA HIS A 10 6.21 20.39 2.21
C HIS A 10 5.81 19.11 1.41
N SER A 11 4.66 18.51 1.77
CA SER A 11 4.09 17.40 0.99
C SER A 11 3.43 17.92 -0.30
N SER A 12 3.21 17.01 -1.27
CA SER A 12 2.58 17.34 -2.56
C SER A 12 1.03 17.27 -2.48
N GLY A 13 0.53 16.73 -1.35
CA GLY A 13 -0.91 16.60 -1.12
C GLY A 13 -1.24 15.95 0.23
N LEU A 14 -2.49 15.50 0.39
CA LEU A 14 -2.98 14.83 1.60
C LEU A 14 -3.38 13.36 1.26
N VAL A 15 -4.70 13.10 1.04
CA VAL A 15 -5.23 11.73 0.76
C VAL A 15 -6.54 11.82 -0.09
N PRO A 16 -6.65 11.04 -1.22
CA PRO A 16 -7.96 10.74 -1.85
C PRO A 16 -8.56 9.44 -1.27
N ARG A 17 -9.60 8.87 -1.92
CA ARG A 17 -10.18 7.57 -1.53
C ARG A 17 -10.94 6.95 -2.73
N GLY A 18 -10.96 5.62 -2.80
CA GLY A 18 -11.63 4.88 -3.89
C GLY A 18 -10.65 4.13 -4.78
N SER A 19 -9.40 4.60 -4.79
CA SER A 19 -8.28 3.95 -5.49
C SER A 19 -7.72 2.78 -4.67
N HIS A 20 -7.02 1.83 -5.33
CA HIS A 20 -6.43 0.66 -4.68
C HIS A 20 -5.38 1.10 -3.63
N MET A 21 -5.71 0.94 -2.33
CA MET A 21 -4.79 1.27 -1.24
C MET A 21 -3.71 0.17 -1.10
N THR A 22 -2.57 0.42 -1.77
CA THR A 22 -1.39 -0.45 -1.71
C THR A 22 -0.68 -0.28 -0.36
N THR A 23 -0.72 -1.35 0.44
CA THR A 23 -0.03 -1.41 1.72
C THR A 23 1.42 -1.90 1.49
N VAL A 24 2.38 -1.01 1.75
CA VAL A 24 3.81 -1.33 1.76
C VAL A 24 4.11 -2.25 2.97
N LYS A 25 4.30 -3.56 2.67
CA LYS A 25 4.41 -4.63 3.68
C LYS A 25 5.87 -4.91 4.06
N LEU A 26 6.30 -4.33 5.17
CA LEU A 26 7.64 -4.55 5.76
C LEU A 26 7.42 -5.43 7.03
N GLY A 27 8.49 -6.11 7.48
CA GLY A 27 8.47 -6.87 8.75
C GLY A 27 7.90 -6.04 9.92
N ASP A 28 6.65 -6.38 10.31
CA ASP A 28 5.82 -5.73 11.38
C ASP A 28 5.41 -4.27 11.08
N ILE A 29 5.89 -3.69 9.97
CA ILE A 29 5.58 -2.31 9.57
C ILE A 29 4.57 -2.29 8.41
N LYS A 30 3.37 -1.75 8.67
CA LYS A 30 2.31 -1.58 7.65
C LYS A 30 2.18 -0.10 7.30
N VAL A 31 2.58 0.27 6.07
CA VAL A 31 2.46 1.66 5.57
C VAL A 31 1.45 1.69 4.42
N THR A 32 0.25 2.20 4.70
CA THR A 32 -0.83 2.24 3.70
C THR A 32 -0.79 3.57 2.93
N PHE A 33 -0.77 3.47 1.59
CA PHE A 33 -1.01 4.61 0.68
C PHE A 33 -2.25 4.31 -0.14
N ASP A 34 -2.98 5.37 -0.50
CA ASP A 34 -4.28 5.28 -1.19
C ASP A 34 -4.13 4.78 -2.64
N ASN A 35 -2.88 4.85 -3.17
CA ASN A 35 -2.56 4.55 -4.57
C ASN A 35 -1.09 4.05 -4.67
N PRO A 36 -0.79 2.92 -5.40
CA PRO A 36 0.60 2.42 -5.61
C PRO A 36 1.53 3.46 -6.29
N GLU A 37 0.91 4.43 -6.99
CA GLU A 37 1.59 5.55 -7.67
C GLU A 37 2.37 6.41 -6.62
N LYS A 38 1.73 6.62 -5.46
CA LYS A 38 2.31 7.42 -4.35
C LYS A 38 3.15 6.52 -3.43
N ALA A 39 2.73 5.24 -3.30
CA ALA A 39 3.42 4.23 -2.47
C ALA A 39 4.85 3.98 -2.99
N LYS A 40 5.01 4.09 -4.32
CA LYS A 40 6.30 3.91 -5.01
C LYS A 40 7.32 5.02 -4.63
N LYS A 41 6.82 6.25 -4.41
CA LYS A 41 7.66 7.43 -4.12
C LYS A 41 8.36 7.26 -2.77
N TYR A 42 7.61 6.68 -1.84
CA TYR A 42 8.07 6.33 -0.51
C TYR A 42 8.90 5.03 -0.53
N ALA A 43 8.50 4.06 -1.38
CA ALA A 43 9.11 2.71 -1.42
C ALA A 43 10.58 2.76 -1.87
N GLN A 44 10.85 3.51 -2.95
CA GLN A 44 12.21 3.69 -3.48
C GLN A 44 13.13 4.39 -2.44
N LYS A 45 12.51 5.22 -1.58
CA LYS A 45 13.20 5.94 -0.50
C LYS A 45 13.31 5.08 0.78
N LEU A 46 12.39 4.09 0.91
CA LEU A 46 12.40 3.13 2.03
C LEU A 46 13.66 2.26 1.90
N ALA A 47 13.98 1.87 0.64
CA ALA A 47 15.22 1.15 0.31
C ALA A 47 16.42 2.14 0.27
N LYS A 48 16.68 2.74 1.45
CA LYS A 48 17.66 3.83 1.65
C LYS A 48 17.63 4.21 3.14
N ILE A 49 16.41 4.49 3.65
CA ILE A 49 16.16 4.72 5.08
C ILE A 49 16.42 3.40 5.84
N TYR A 50 15.76 2.34 5.35
CA TYR A 50 15.94 0.96 5.80
C TYR A 50 16.71 0.20 4.71
N GLN A 51 17.63 -0.69 5.10
CA GLN A 51 18.41 -1.50 4.15
C GLN A 51 17.67 -2.84 3.88
N LEU A 52 16.38 -2.72 3.47
CA LEU A 52 15.50 -3.84 3.11
C LEU A 52 14.97 -3.62 1.68
N THR A 53 14.72 -4.71 0.94
CA THR A 53 14.48 -4.68 -0.52
C THR A 53 12.96 -4.50 -0.81
N VAL A 54 12.60 -3.37 -1.43
CA VAL A 54 11.19 -3.03 -1.76
C VAL A 54 10.75 -3.74 -3.07
N HIS A 55 10.13 -4.93 -2.92
CA HIS A 55 9.69 -5.75 -4.07
C HIS A 55 8.28 -5.31 -4.50
N VAL A 56 8.22 -4.40 -5.50
CA VAL A 56 6.96 -3.97 -6.10
C VAL A 56 6.44 -5.09 -7.05
N HIS A 57 5.63 -6.00 -6.47
CA HIS A 57 5.13 -7.21 -7.15
C HIS A 57 3.60 -7.33 -6.98
N GLY A 58 2.89 -7.19 -8.10
CA GLY A 58 1.44 -7.23 -8.12
C GLY A 58 0.83 -5.95 -7.59
N ASP A 59 -0.26 -6.09 -6.82
CA ASP A 59 -1.00 -4.95 -6.22
C ASP A 59 -0.30 -4.41 -4.95
N THR A 60 0.74 -5.13 -4.49
CA THR A 60 1.40 -4.87 -3.19
C THR A 60 2.92 -4.70 -3.36
N ILE A 61 3.51 -3.75 -2.60
CA ILE A 61 4.97 -3.63 -2.47
C ILE A 61 5.40 -4.37 -1.19
N HIS A 62 5.88 -5.62 -1.33
CA HIS A 62 6.38 -6.41 -0.19
C HIS A 62 7.87 -6.10 0.02
N VAL A 63 8.17 -5.44 1.13
CA VAL A 63 9.55 -5.15 1.52
C VAL A 63 10.13 -6.33 2.33
N LYS A 64 11.16 -6.96 1.77
CA LYS A 64 11.97 -7.97 2.45
C LYS A 64 13.42 -7.89 1.93
N MET A 1 -27.93 3.32 11.92
CA MET A 1 -27.35 3.92 10.68
C MET A 1 -25.87 3.48 10.52
N GLY A 2 -25.34 3.63 9.29
CA GLY A 2 -23.93 3.30 8.99
C GLY A 2 -23.80 2.13 8.03
N SER A 3 -22.77 2.15 7.18
CA SER A 3 -22.51 1.09 6.17
C SER A 3 -21.38 0.16 6.65
N SER A 4 -21.75 -1.05 7.04
CA SER A 4 -20.79 -2.10 7.40
C SER A 4 -20.31 -2.83 6.13
N HIS A 5 -19.06 -2.54 5.69
CA HIS A 5 -18.39 -3.29 4.61
C HIS A 5 -18.07 -4.72 5.11
N HIS A 6 -19.09 -5.59 5.03
CA HIS A 6 -19.01 -6.98 5.47
C HIS A 6 -18.73 -7.90 4.28
N HIS A 7 -19.13 -7.45 3.08
CA HIS A 7 -18.88 -8.17 1.82
C HIS A 7 -17.37 -8.23 1.57
N HIS A 8 -16.79 -9.42 1.79
CA HIS A 8 -15.36 -9.67 1.58
C HIS A 8 -15.04 -9.65 0.07
N HIS A 9 -14.69 -8.47 -0.44
CA HIS A 9 -14.32 -8.28 -1.84
C HIS A 9 -12.94 -8.94 -2.10
N HIS A 10 -12.81 -9.57 -3.28
CA HIS A 10 -11.61 -10.36 -3.64
C HIS A 10 -10.44 -9.44 -4.02
N SER A 11 -9.22 -9.91 -3.77
CA SER A 11 -7.97 -9.19 -4.03
C SER A 11 -6.96 -10.07 -4.80
N SER A 12 -7.45 -11.18 -5.39
CA SER A 12 -6.65 -12.09 -6.23
C SER A 12 -6.30 -11.42 -7.57
N GLY A 13 -5.03 -11.01 -7.71
CA GLY A 13 -4.55 -10.34 -8.90
C GLY A 13 -3.84 -9.04 -8.54
N LEU A 14 -2.56 -8.89 -8.93
CA LEU A 14 -1.77 -7.66 -8.68
C LEU A 14 -2.19 -6.50 -9.62
N VAL A 15 -3.07 -6.82 -10.60
CA VAL A 15 -3.72 -5.86 -11.53
C VAL A 15 -4.47 -4.70 -10.80
N PRO A 16 -4.75 -3.54 -11.51
CA PRO A 16 -5.61 -2.47 -10.99
C PRO A 16 -7.07 -2.95 -10.80
N ARG A 17 -7.36 -3.44 -9.58
CA ARG A 17 -8.69 -3.99 -9.20
C ARG A 17 -9.63 -2.86 -8.77
N GLY A 18 -10.91 -3.23 -8.48
CA GLY A 18 -11.85 -2.33 -7.83
C GLY A 18 -11.37 -1.97 -6.43
N SER A 19 -11.09 -2.99 -5.61
CA SER A 19 -10.39 -2.83 -4.34
C SER A 19 -8.87 -2.85 -4.62
N HIS A 20 -8.26 -1.66 -4.71
CA HIS A 20 -6.84 -1.51 -5.05
C HIS A 20 -6.18 -0.56 -4.04
N MET A 21 -5.22 -1.10 -3.25
CA MET A 21 -4.51 -0.35 -2.20
C MET A 21 -3.03 -0.71 -2.25
N THR A 22 -2.17 0.24 -2.66
CA THR A 22 -0.73 0.05 -2.70
C THR A 22 -0.17 -0.10 -1.26
N THR A 23 -0.11 -1.36 -0.81
CA THR A 23 0.25 -1.72 0.56
C THR A 23 1.78 -1.87 0.67
N VAL A 24 2.43 -0.84 1.23
CA VAL A 24 3.89 -0.84 1.47
C VAL A 24 4.17 -1.59 2.78
N LYS A 25 4.63 -2.84 2.68
CA LYS A 25 4.90 -3.69 3.86
C LYS A 25 6.41 -3.67 4.18
N LEU A 26 6.75 -2.85 5.18
CA LEU A 26 8.11 -2.75 5.74
C LEU A 26 8.30 -3.86 6.83
N GLY A 27 9.45 -3.89 7.53
CA GLY A 27 9.70 -4.85 8.63
C GLY A 27 8.67 -4.74 9.76
N ASP A 28 7.56 -5.50 9.60
CA ASP A 28 6.42 -5.57 10.54
C ASP A 28 5.69 -4.20 10.69
N ILE A 29 5.89 -3.34 9.67
CA ILE A 29 5.20 -2.04 9.55
C ILE A 29 4.39 -2.07 8.24
N LYS A 30 3.08 -2.34 8.36
CA LYS A 30 2.18 -2.44 7.19
C LYS A 30 1.50 -1.09 6.96
N VAL A 31 1.90 -0.41 5.89
CA VAL A 31 1.29 0.84 5.42
C VAL A 31 0.36 0.50 4.25
N THR A 32 -0.73 1.27 4.07
CA THR A 32 -1.65 1.09 2.93
C THR A 32 -1.91 2.45 2.25
N PHE A 33 -1.96 2.44 0.91
CA PHE A 33 -2.26 3.63 0.09
C PHE A 33 -3.36 3.31 -0.92
N ASP A 34 -4.62 3.61 -0.52
CA ASP A 34 -5.80 3.43 -1.39
C ASP A 34 -5.66 4.23 -2.69
N ASN A 35 -5.08 5.44 -2.58
CA ASN A 35 -4.59 6.21 -3.73
C ASN A 35 -3.13 5.79 -3.97
N PRO A 36 -2.79 5.14 -5.14
CA PRO A 36 -1.43 4.60 -5.43
C PRO A 36 -0.29 5.60 -5.14
N GLU A 37 -0.43 6.84 -5.64
CA GLU A 37 0.43 8.00 -5.28
C GLU A 37 1.92 7.83 -5.77
N LYS A 38 2.20 6.75 -6.56
CA LYS A 38 3.58 6.29 -6.88
C LYS A 38 4.30 5.83 -5.58
N ALA A 39 3.54 5.09 -4.73
CA ALA A 39 4.01 4.63 -3.40
C ALA A 39 5.07 3.51 -3.50
N LYS A 40 5.29 3.02 -4.73
CA LYS A 40 6.37 2.07 -5.05
C LYS A 40 7.74 2.75 -4.88
N LYS A 41 7.78 4.07 -5.18
CA LYS A 41 8.99 4.91 -5.06
C LYS A 41 9.18 5.31 -3.60
N TYR A 42 8.06 5.59 -2.91
CA TYR A 42 8.02 5.86 -1.45
C TYR A 42 8.59 4.65 -0.67
N ALA A 43 8.25 3.44 -1.13
CA ALA A 43 8.73 2.17 -0.55
C ALA A 43 10.27 2.07 -0.61
N GLN A 44 10.83 2.57 -1.74
CA GLN A 44 12.29 2.58 -2.00
C GLN A 44 13.00 3.61 -1.11
N LYS A 45 12.28 4.69 -0.74
CA LYS A 45 12.81 5.73 0.15
C LYS A 45 13.10 5.15 1.54
N LEU A 46 12.11 4.40 2.08
CA LEU A 46 12.25 3.70 3.38
C LEU A 46 13.35 2.62 3.28
N ALA A 47 13.38 1.92 2.14
CA ALA A 47 14.30 0.79 1.90
C ALA A 47 15.76 1.23 1.93
N LYS A 48 16.08 2.38 1.31
CA LYS A 48 17.47 2.85 1.20
C LYS A 48 18.00 3.28 2.60
N ILE A 49 17.09 3.77 3.45
CA ILE A 49 17.39 4.16 4.84
C ILE A 49 17.75 2.92 5.69
N TYR A 50 16.84 1.92 5.70
CA TYR A 50 17.01 0.69 6.50
C TYR A 50 17.88 -0.37 5.77
N GLN A 51 18.32 -0.04 4.53
CA GLN A 51 19.15 -0.90 3.66
C GLN A 51 18.42 -2.19 3.23
N LEU A 52 17.08 -2.13 3.22
CA LEU A 52 16.20 -3.24 2.83
C LEU A 52 16.01 -3.29 1.30
N THR A 53 15.34 -4.34 0.81
CA THR A 53 15.10 -4.57 -0.62
C THR A 53 13.58 -4.51 -0.90
N VAL A 54 13.18 -3.69 -1.88
CA VAL A 54 11.76 -3.54 -2.27
C VAL A 54 11.37 -4.63 -3.27
N HIS A 55 10.46 -5.51 -2.86
CA HIS A 55 9.91 -6.56 -3.71
C HIS A 55 8.48 -6.15 -4.11
N VAL A 56 8.36 -5.45 -5.26
CA VAL A 56 7.06 -4.96 -5.75
C VAL A 56 6.29 -6.11 -6.42
N HIS A 57 5.09 -6.40 -5.90
CA HIS A 57 4.17 -7.40 -6.47
C HIS A 57 2.86 -6.66 -6.77
N GLY A 58 2.91 -5.79 -7.81
CA GLY A 58 1.80 -4.90 -8.11
C GLY A 58 1.61 -3.84 -7.05
N ASP A 59 0.36 -3.64 -6.61
CA ASP A 59 0.01 -2.75 -5.49
C ASP A 59 0.65 -3.24 -4.16
N THR A 60 0.65 -4.56 -3.95
CA THR A 60 1.18 -5.17 -2.72
C THR A 60 2.72 -5.26 -2.75
N ILE A 61 3.34 -4.31 -2.05
CA ILE A 61 4.80 -4.19 -1.93
C ILE A 61 5.30 -4.90 -0.66
N HIS A 62 6.44 -5.59 -0.75
CA HIS A 62 7.08 -6.26 0.39
C HIS A 62 8.54 -5.77 0.50
N VAL A 63 8.77 -4.73 1.30
CA VAL A 63 10.11 -4.20 1.58
C VAL A 63 10.79 -5.04 2.69
N LYS A 64 11.58 -6.04 2.27
CA LYS A 64 12.41 -6.87 3.16
C LYS A 64 13.83 -6.92 2.57
#